data_3GBA
#
_entry.id   3GBA
#
_cell.length_a   44.872
_cell.length_b   66.902
_cell.length_c   90.342
_cell.angle_alpha   92.69
_cell.angle_beta   94.66
_cell.angle_gamma   100.82
#
_symmetry.space_group_name_H-M   'P 1'
#
loop_
_entity.id
_entity.type
_entity.pdbx_description
1 polymer 'Glutamate receptor, ionotropic kainate 1'
2 non-polymer '(2R,3aR,6S,7R,7aR)-2-[(2S)-2-amino-2-carboxyethyl]-6-hydroxy-7-(methylamino)hexahydro-2H-furo[3,2-b]pyran-2-carboxylic acid'
3 non-polymer 'SULFATE ION'
4 non-polymer GLYCEROL
5 non-polymer 'CHLORIDE ION'
6 water water
#
_entity_poly.entity_id   1
_entity_poly.type   'polypeptide(L)'
_entity_poly.pdbx_seq_one_letter_code
;GANRTLIVTTILEEPYVMYRKSDKPLYGNDRFEGYCLDLLKELSNILGFLYDVKLVPDGKYGAQNDKGEWNGMVKELIDH
RADLAVAPLTITYVREKVIDFSKPFMTLGISILYRKGTPIDSADDLAKQTKIEYGAVRDGSTMTFFKKSKISTYEKMWAF
MSSRQQSALVKNSDEGIQRVLTTDYALLMESTSIEYVTQRNCNLTQIGGLIDSKGYGVGTPIGSPYRDKITIAILQLQEE
GKLHMMKEKWWRGNGCP
;
_entity_poly.pdbx_strand_id   A,B,C,D
#
loop_
_chem_comp.id
_chem_comp.type
_chem_comp.name
_chem_comp.formula
CL non-polymer 'CHLORIDE ION' 'Cl -1'
DYH non-polymer '(2R,3aR,6S,7R,7aR)-2-[(2S)-2-amino-2-carboxyethyl]-6-hydroxy-7-(methylamino)hexahydro-2H-furo[3,2-b]pyran-2-carboxylic acid' 'C12 H20 N2 O7'
GOL non-polymer GLYCEROL 'C3 H8 O3'
SO4 non-polymer 'SULFATE ION' 'O4 S -2'
#
# COMPACT_ATOMS: atom_id res chain seq x y z
N GLY A 1 16.61 52.17 12.20
CA GLY A 1 17.25 52.75 13.41
C GLY A 1 18.20 51.74 14.02
N ALA A 2 18.71 52.08 15.21
CA ALA A 2 19.72 51.26 15.88
C ALA A 2 19.23 49.86 16.23
N ASN A 3 17.92 49.72 16.46
CA ASN A 3 17.34 48.44 16.88
C ASN A 3 16.54 47.76 15.80
N ARG A 4 16.87 48.07 14.55
CA ARG A 4 16.27 47.43 13.39
CA ARG A 4 16.22 47.42 13.43
C ARG A 4 16.49 45.92 13.45
N THR A 5 15.51 45.16 12.98
CA THR A 5 15.62 43.72 12.89
C THR A 5 16.64 43.38 11.80
N LEU A 6 17.56 42.46 12.11
CA LEU A 6 18.55 42.03 11.12
C LEU A 6 17.95 40.98 10.19
N ILE A 7 18.23 41.11 8.91
CA ILE A 7 17.81 40.13 7.95
C ILE A 7 18.93 39.08 7.88
N VAL A 8 18.56 37.83 8.09
CA VAL A 8 19.51 36.72 8.09
C VAL A 8 19.20 35.79 6.93
N THR A 9 20.13 35.74 5.97
CA THR A 9 20.01 34.79 4.87
C THR A 9 20.52 33.41 5.29
N THR A 10 19.85 32.38 4.81
CA THR A 10 20.24 31.01 5.08
C THR A 10 19.68 30.11 3.99
N ILE A 11 19.86 28.80 4.14
CA ILE A 11 19.46 27.86 3.11
C ILE A 11 19.06 26.58 3.81
N LEU A 12 18.05 25.90 3.27
CA LEU A 12 17.65 24.62 3.83
C LEU A 12 18.77 23.62 3.62
N GLU A 13 19.19 22.97 4.70
CA GLU A 13 20.33 22.06 4.69
C GLU A 13 20.30 21.28 5.99
N GLU A 14 20.07 19.98 5.93
CA GLU A 14 19.99 19.17 7.16
C GLU A 14 21.39 18.90 7.73
N PRO A 15 21.57 19.04 9.06
CA PRO A 15 20.65 19.46 10.12
C PRO A 15 20.82 20.92 10.54
N TYR A 16 21.35 21.75 9.66
CA TYR A 16 21.61 23.15 9.97
C TYR A 16 20.36 24.00 9.98
N VAL A 17 19.53 23.83 8.94
CA VAL A 17 18.31 24.59 8.78
C VAL A 17 17.29 23.66 8.14
N MET A 18 16.20 23.42 8.86
CA MET A 18 15.16 22.49 8.42
C MET A 18 13.78 23.06 8.75
N TYR A 19 12.77 22.64 8.01
CA TYR A 19 11.41 22.96 8.36
C TYR A 19 11.02 22.14 9.58
N ARG A 20 10.59 22.84 10.63
CA ARG A 20 10.04 22.21 11.81
CA ARG A 20 10.03 22.22 11.82
C ARG A 20 8.73 21.52 11.42
N LYS A 21 8.52 20.31 11.93
CA LYS A 21 7.29 19.57 11.64
C LYS A 21 6.21 19.97 12.63
N SER A 22 5.01 20.17 12.10
CA SER A 22 3.88 20.64 12.90
C SER A 22 2.60 20.13 12.25
N ASP A 23 1.60 19.83 13.07
CA ASP A 23 0.28 19.44 12.57
C ASP A 23 -0.49 20.65 12.04
N LYS A 24 -0.08 21.85 12.43
CA LYS A 24 -0.70 23.08 11.95
C LYS A 24 0.35 23.94 11.26
N PRO A 25 -0.11 24.86 10.38
CA PRO A 25 0.83 25.76 9.74
C PRO A 25 1.66 26.57 10.73
N LEU A 26 2.94 26.72 10.42
CA LEU A 26 3.86 27.54 11.20
C LEU A 26 4.22 28.76 10.39
N TYR A 27 4.60 29.82 11.09
CA TYR A 27 4.85 31.11 10.45
C TYR A 27 6.12 31.74 11.02
N GLY A 28 6.78 32.58 10.21
CA GLY A 28 7.95 33.31 10.69
C GLY A 28 9.15 32.43 11.00
N ASN A 29 9.97 32.85 11.96
CA ASN A 29 11.18 32.09 12.31
C ASN A 29 10.85 30.72 12.88
N ASP A 30 9.68 30.60 13.49
CA ASP A 30 9.19 29.34 14.06
C ASP A 30 9.04 28.23 13.00
N ARG A 31 9.01 28.59 11.72
CA ARG A 31 9.01 27.57 10.67
C ARG A 31 10.28 26.71 10.67
N PHE A 32 11.37 27.22 11.23
CA PHE A 32 12.68 26.62 11.06
C PHE A 32 13.26 26.09 12.36
N GLU A 33 14.07 25.04 12.24
CA GLU A 33 14.88 24.52 13.34
C GLU A 33 16.20 24.03 12.80
N GLY A 34 17.16 23.83 13.69
CA GLY A 34 18.43 23.23 13.33
C GLY A 34 19.59 23.91 14.00
N TYR A 35 20.78 23.40 13.72
CA TYR A 35 21.99 23.91 14.33
C TYR A 35 22.13 25.40 14.11
N CYS A 36 21.90 25.86 12.90
CA CYS A 36 22.08 27.29 12.63
C CYS A 36 21.04 28.17 13.30
N LEU A 37 19.84 27.65 13.51
CA LEU A 37 18.82 28.40 14.24
C LEU A 37 19.22 28.50 15.71
N ASP A 38 19.79 27.44 16.28
CA ASP A 38 20.27 27.48 17.65
C ASP A 38 21.44 28.44 17.76
N LEU A 39 22.36 28.42 16.80
CA LEU A 39 23.50 29.35 16.80
C LEU A 39 22.99 30.79 16.73
N LEU A 40 22.05 31.02 15.83
CA LEU A 40 21.48 32.36 15.66
C LEU A 40 20.79 32.86 16.92
N LYS A 41 20.04 31.98 17.59
CA LYS A 41 19.39 32.37 18.86
C LYS A 41 20.43 32.80 19.87
N GLU A 42 21.50 32.03 20.00
CA GLU A 42 22.57 32.36 20.96
C GLU A 42 23.25 33.68 20.59
N LEU A 43 23.57 33.87 19.32
CA LEU A 43 24.19 35.13 18.91
C LEU A 43 23.27 36.32 19.19
N SER A 44 21.98 36.16 18.89
CA SER A 44 21.00 37.23 19.10
CA SER A 44 20.97 37.20 19.10
C SER A 44 20.91 37.61 20.57
N ASN A 45 21.02 36.62 21.45
CA ASN A 45 20.94 36.87 22.89
C ASN A 45 22.17 37.62 23.37
N ILE A 46 23.35 37.12 23.01
CA ILE A 46 24.62 37.73 23.41
C ILE A 46 24.78 39.15 22.86
N LEU A 47 24.41 39.35 21.60
CA LEU A 47 24.64 40.64 20.94
C LEU A 47 23.41 41.57 20.98
N GLY A 48 22.27 41.06 21.42
CA GLY A 48 21.10 41.92 21.65
C GLY A 48 20.45 42.43 20.39
N PHE A 49 20.23 41.53 19.44
CA PHE A 49 19.52 41.89 18.22
C PHE A 49 18.31 41.01 17.99
N LEU A 50 17.38 41.52 17.18
CA LEU A 50 16.25 40.79 16.68
C LEU A 50 16.57 40.39 15.26
N TYR A 51 15.98 39.31 14.78
CA TYR A 51 16.32 38.80 13.45
C TYR A 51 15.11 38.21 12.74
N ASP A 52 15.22 38.17 11.40
CA ASP A 52 14.21 37.64 10.50
C ASP A 52 14.95 36.69 9.55
N VAL A 53 14.65 35.41 9.64
CA VAL A 53 15.30 34.39 8.83
C VAL A 53 14.63 34.34 7.45
N LYS A 54 15.43 34.49 6.40
CA LYS A 54 14.95 34.48 5.03
C LYS A 54 15.75 33.51 4.17
N LEU A 55 15.08 32.53 3.57
CA LEU A 55 15.76 31.57 2.72
C LEU A 55 16.28 32.27 1.47
N VAL A 56 17.51 31.97 1.11
CA VAL A 56 18.18 32.63 0.00
C VAL A 56 17.33 32.46 -1.27
N PRO A 57 17.05 33.57 -1.98
CA PRO A 57 16.07 33.48 -3.06
C PRO A 57 16.36 32.50 -4.20
N ASP A 58 17.63 32.28 -4.52
CA ASP A 58 17.99 31.39 -5.62
C ASP A 58 18.41 29.99 -5.18
N GLY A 59 18.32 29.69 -3.89
CA GLY A 59 18.64 28.35 -3.37
C GLY A 59 20.10 27.93 -3.48
N LYS A 60 21.00 28.91 -3.58
CA LYS A 60 22.43 28.65 -3.77
C LYS A 60 23.27 29.21 -2.62
N TYR A 61 24.39 28.55 -2.35
CA TYR A 61 25.35 29.06 -1.39
C TYR A 61 26.08 30.27 -1.93
N GLY A 62 26.72 30.11 -3.09
CA GLY A 62 27.33 31.25 -3.76
C GLY A 62 28.55 30.89 -4.56
N ALA A 63 28.54 31.23 -5.85
CA ALA A 63 29.70 31.06 -6.72
C ALA A 63 29.72 32.23 -7.68
N GLN A 64 30.87 32.49 -8.26
CA GLN A 64 31.02 33.57 -9.24
C GLN A 64 30.76 32.99 -10.62
N ASN A 65 29.78 33.56 -11.34
CA ASN A 65 29.37 33.05 -12.66
C ASN A 65 30.26 33.57 -13.79
N ASP A 66 29.86 33.24 -15.03
CA ASP A 66 30.65 33.57 -16.24
C ASP A 66 30.73 35.08 -16.52
N LYS A 67 29.82 35.84 -15.92
CA LYS A 67 29.85 37.29 -16.00
C LYS A 67 30.67 37.93 -14.87
N GLY A 68 31.25 37.08 -14.01
CA GLY A 68 32.08 37.55 -12.91
C GLY A 68 31.28 37.92 -11.67
N GLU A 69 29.98 37.64 -11.70
CA GLU A 69 29.07 38.05 -10.62
C GLU A 69 28.79 36.90 -9.68
N TRP A 70 28.57 37.23 -8.43
CA TRP A 70 28.22 36.26 -7.42
C TRP A 70 26.73 36.02 -7.38
N ASN A 71 26.36 34.87 -6.82
CA ASN A 71 24.96 34.52 -6.60
C ASN A 71 24.80 34.01 -5.16
N GLY A 72 23.63 33.49 -4.83
CA GLY A 72 23.44 32.83 -3.55
C GLY A 72 23.51 33.75 -2.35
N MET A 73 23.85 33.17 -1.22
CA MET A 73 23.92 33.95 0.03
C MET A 73 25.03 34.98 -0.05
N VAL A 74 26.12 34.64 -0.73
CA VAL A 74 27.21 35.60 -0.90
C VAL A 74 26.70 36.88 -1.55
N LYS A 75 25.92 36.74 -2.62
CA LYS A 75 25.37 37.91 -3.31
C LYS A 75 24.39 38.69 -2.44
N GLU A 76 23.57 38.00 -1.65
CA GLU A 76 22.66 38.68 -0.73
C GLU A 76 23.41 39.62 0.20
N LEU A 77 24.59 39.18 0.66
CA LEU A 77 25.43 40.00 1.51
C LEU A 77 26.06 41.15 0.73
N ILE A 78 26.64 40.86 -0.43
CA ILE A 78 27.30 41.89 -1.24
C ILE A 78 26.33 43.06 -1.52
N ASP A 79 25.10 42.72 -1.85
CA ASP A 79 24.09 43.71 -2.21
C ASP A 79 23.33 44.29 -1.02
N HIS A 80 23.75 43.92 0.20
CA HIS A 80 23.16 44.43 1.43
C HIS A 80 21.70 44.09 1.59
N ARG A 81 21.26 43.01 0.96
CA ARG A 81 19.89 42.53 1.14
C ARG A 81 19.77 41.75 2.45
N ALA A 82 20.89 41.18 2.91
CA ALA A 82 20.98 40.49 4.20
C ALA A 82 22.07 41.12 5.05
N ASP A 83 21.85 41.11 6.35
CA ASP A 83 22.83 41.61 7.31
C ASP A 83 23.83 40.54 7.70
N LEU A 84 23.35 39.30 7.78
CA LEU A 84 24.18 38.15 8.16
C LEU A 84 23.80 36.96 7.32
N ALA A 85 24.74 36.04 7.11
CA ALA A 85 24.44 34.74 6.57
C ALA A 85 24.81 33.73 7.65
N VAL A 86 23.81 33.07 8.22
CA VAL A 86 24.04 32.06 9.25
C VAL A 86 23.62 30.73 8.66
N ALA A 87 24.63 29.98 8.25
CA ALA A 87 24.50 28.79 7.44
C ALA A 87 25.85 28.10 7.49
N PRO A 88 25.92 26.85 7.02
CA PRO A 88 27.23 26.20 6.86
C PRO A 88 27.94 26.79 5.63
N LEU A 89 28.44 28.01 5.81
CA LEU A 89 29.00 28.81 4.73
C LEU A 89 30.52 28.72 4.82
N THR A 90 31.12 28.10 3.82
CA THR A 90 32.54 27.79 3.86
C THR A 90 33.37 29.04 3.63
N ILE A 91 34.34 29.24 4.51
CA ILE A 91 35.24 30.38 4.43
C ILE A 91 36.30 30.06 3.39
N THR A 92 36.31 30.81 2.29
CA THR A 92 37.29 30.61 1.23
C THR A 92 37.93 31.93 0.84
N TYR A 93 39.14 31.85 0.29
CA TYR A 93 39.88 33.03 -0.09
C TYR A 93 39.15 33.91 -1.10
N VAL A 94 38.53 33.28 -2.11
CA VAL A 94 37.81 34.07 -3.11
C VAL A 94 36.60 34.78 -2.51
N ARG A 95 35.92 34.13 -1.56
CA ARG A 95 34.78 34.79 -0.91
C ARG A 95 35.23 35.91 0.00
N GLU A 96 36.39 35.75 0.64
CA GLU A 96 36.94 36.78 1.52
C GLU A 96 37.25 38.09 0.80
N LYS A 97 37.40 38.02 -0.53
CA LYS A 97 37.56 39.23 -1.34
C LYS A 97 36.30 40.07 -1.42
N VAL A 98 35.12 39.44 -1.27
CA VAL A 98 33.85 40.14 -1.49
C VAL A 98 32.91 40.24 -0.29
N ILE A 99 33.08 39.36 0.71
CA ILE A 99 32.33 39.42 1.96
C ILE A 99 33.31 39.20 3.11
N ASP A 100 32.84 39.46 4.32
CA ASP A 100 33.61 39.15 5.53
C ASP A 100 33.03 37.92 6.23
N PHE A 101 33.86 37.24 7.01
CA PHE A 101 33.45 36.09 7.79
C PHE A 101 33.89 36.27 9.23
N SER A 102 33.09 35.79 10.16
CA SER A 102 33.55 35.57 11.52
C SER A 102 34.63 34.50 11.50
N LYS A 103 35.31 34.35 12.63
CA LYS A 103 36.13 33.16 12.83
C LYS A 103 35.23 31.93 12.74
N PRO A 104 35.81 30.78 12.41
CA PRO A 104 34.97 29.62 12.21
C PRO A 104 34.28 29.09 13.46
N PHE A 105 33.05 28.59 13.29
CA PHE A 105 32.34 27.91 14.37
C PHE A 105 32.41 26.40 14.26
N MET A 106 32.89 25.90 13.12
CA MET A 106 32.97 24.45 12.90
C MET A 106 33.98 24.22 11.79
N THR A 107 34.70 23.11 11.83
CA THR A 107 35.66 22.78 10.79
C THR A 107 35.12 21.63 9.93
N LEU A 108 35.67 21.52 8.73
CA LEU A 108 35.23 20.51 7.78
C LEU A 108 36.29 20.32 6.72
N GLY A 109 36.10 19.31 5.89
CA GLY A 109 36.85 19.16 4.67
C GLY A 109 36.01 18.41 3.66
N ILE A 110 36.37 18.52 2.40
CA ILE A 110 35.70 17.80 1.34
C ILE A 110 36.07 16.33 1.44
N SER A 111 35.08 15.45 1.26
CA SER A 111 35.37 14.03 1.05
C SER A 111 34.28 13.45 0.15
N ILE A 112 34.16 12.13 0.13
CA ILE A 112 33.27 11.44 -0.80
C ILE A 112 32.23 10.63 -0.03
N LEU A 113 30.98 10.79 -0.41
CA LEU A 113 29.88 9.96 0.08
C LEU A 113 29.53 8.92 -0.99
N TYR A 114 29.51 7.64 -0.61
CA TYR A 114 29.17 6.57 -1.54
C TYR A 114 28.61 5.40 -0.76
N ARG A 115 28.14 4.38 -1.44
CA ARG A 115 27.66 3.19 -0.75
C ARG A 115 28.81 2.35 -0.19
N LYS A 116 28.50 1.59 0.85
CA LYS A 116 29.43 0.61 1.41
C LYS A 116 29.63 -0.61 0.52
N GLY A 117 30.75 -1.30 0.74
CA GLY A 117 30.97 -2.64 0.21
C GLY A 117 31.49 -2.71 -1.21
N THR A 118 31.98 -1.59 -1.74
CA THR A 118 32.52 -1.56 -3.10
C THR A 118 34.03 -1.52 -3.06
N PRO A 119 34.67 -1.75 -4.22
CA PRO A 119 36.12 -1.57 -4.32
C PRO A 119 36.61 -0.13 -4.43
N ILE A 120 35.71 0.85 -4.44
CA ILE A 120 36.13 2.25 -4.51
C ILE A 120 36.63 2.70 -3.14
N ASP A 121 37.91 3.08 -3.07
CA ASP A 121 38.55 3.41 -1.80
C ASP A 121 39.16 4.81 -1.73
N SER A 122 39.08 5.57 -2.82
CA SER A 122 39.73 6.87 -2.89
C SER A 122 39.18 7.69 -4.04
N ALA A 123 39.46 8.98 -4.05
CA ALA A 123 39.16 9.84 -5.20
C ALA A 123 39.82 9.31 -6.46
N ASP A 124 41.05 8.83 -6.34
CA ASP A 124 41.77 8.24 -7.49
C ASP A 124 40.97 7.11 -8.13
N ASP A 125 40.36 6.27 -7.29
CA ASP A 125 39.56 5.15 -7.78
C ASP A 125 38.35 5.62 -8.58
N LEU A 126 37.72 6.73 -8.18
CA LEU A 126 36.63 7.31 -8.95
C LEU A 126 37.11 7.94 -10.24
N ALA A 127 38.21 8.69 -10.13
CA ALA A 127 38.73 9.47 -11.25
C ALA A 127 39.16 8.60 -12.44
N LYS A 128 39.64 7.38 -12.17
CA LYS A 128 40.17 6.52 -13.24
C LYS A 128 39.12 5.69 -13.95
N GLN A 129 37.85 5.89 -13.64
CA GLN A 129 36.77 5.14 -14.27
C GLN A 129 35.64 6.06 -14.69
N THR A 130 34.67 5.51 -15.42
CA THR A 130 33.54 6.30 -15.91
C THR A 130 32.15 5.67 -15.67
N LYS A 131 32.08 4.42 -15.21
CA LYS A 131 30.79 3.75 -15.02
C LYS A 131 30.00 4.40 -13.87
N ILE A 132 30.70 4.63 -12.76
CA ILE A 132 30.13 5.26 -11.58
C ILE A 132 30.23 6.76 -11.78
N GLU A 133 29.10 7.44 -11.80
CA GLU A 133 29.14 8.88 -11.93
C GLU A 133 29.32 9.52 -10.57
N TYR A 134 29.78 10.75 -10.58
CA TYR A 134 30.04 11.45 -9.34
C TYR A 134 29.99 12.93 -9.61
N GLY A 135 29.70 13.69 -8.58
CA GLY A 135 29.58 15.13 -8.72
C GLY A 135 29.46 15.83 -7.39
N ALA A 136 28.86 17.01 -7.42
CA ALA A 136 28.80 17.90 -6.26
C ALA A 136 27.56 18.75 -6.40
N VAL A 137 27.24 19.48 -5.36
CA VAL A 137 26.14 20.44 -5.40
C VAL A 137 26.58 21.67 -6.19
N ARG A 138 25.72 22.12 -7.08
CA ARG A 138 26.01 23.30 -7.89
C ARG A 138 26.18 24.57 -7.06
N ASP A 139 27.12 25.43 -7.46
CA ASP A 139 27.23 26.80 -6.97
C ASP A 139 27.62 26.91 -5.50
N GLY A 140 28.39 25.94 -5.05
CA GLY A 140 28.99 25.99 -3.72
C GLY A 140 30.50 25.84 -3.77
N SER A 141 31.09 25.79 -2.59
CA SER A 141 32.53 25.76 -2.46
C SER A 141 33.15 24.45 -2.93
N THR A 142 32.42 23.34 -2.82
CA THR A 142 32.96 22.05 -3.28
C THR A 142 33.08 22.04 -4.80
N MET A 143 32.03 22.49 -5.48
CA MET A 143 32.07 22.66 -6.93
CA MET A 143 32.10 22.63 -6.93
C MET A 143 33.27 23.53 -7.31
N THR A 144 33.39 24.66 -6.64
CA THR A 144 34.44 25.62 -6.95
C THR A 144 35.82 25.05 -6.75
N PHE A 145 36.00 24.27 -5.68
CA PHE A 145 37.26 23.58 -5.41
C PHE A 145 37.68 22.76 -6.63
N PHE A 146 36.77 21.95 -7.16
CA PHE A 146 37.10 21.12 -8.31
C PHE A 146 37.33 21.93 -9.57
N LYS A 147 36.48 22.93 -9.79
CA LYS A 147 36.58 23.78 -10.98
C LYS A 147 37.93 24.51 -11.06
N LYS A 148 38.48 24.87 -9.91
CA LYS A 148 39.72 25.66 -9.86
C LYS A 148 40.97 24.84 -9.54
N SER A 149 40.85 23.55 -9.24
CA SER A 149 42.02 22.80 -8.79
C SER A 149 43.04 22.64 -9.91
N LYS A 150 44.32 22.62 -9.53
CA LYS A 150 45.42 22.35 -10.45
C LYS A 150 46.07 20.99 -10.19
N ILE A 151 45.43 20.20 -9.31
CA ILE A 151 45.90 18.85 -9.03
CA ILE A 151 45.87 18.85 -9.01
C ILE A 151 45.33 17.92 -10.09
N SER A 152 46.20 17.12 -10.71
CA SER A 152 45.82 16.26 -11.83
C SER A 152 44.52 15.49 -11.62
N THR A 153 44.45 14.76 -10.51
CA THR A 153 43.28 13.94 -10.25
C THR A 153 42.00 14.77 -10.19
N TYR A 154 42.08 15.92 -9.53
CA TYR A 154 40.88 16.72 -9.32
C TYR A 154 40.47 17.45 -10.61
N GLU A 155 41.46 17.79 -11.45
CA GLU A 155 41.17 18.31 -12.79
C GLU A 155 40.40 17.30 -13.64
N LYS A 156 40.82 16.04 -13.59
CA LYS A 156 40.13 14.98 -14.29
C LYS A 156 38.72 14.80 -13.75
N MET A 157 38.59 14.85 -12.43
CA MET A 157 37.28 14.74 -11.81
C MET A 157 36.36 15.87 -12.21
N TRP A 158 36.88 17.09 -12.24
CA TRP A 158 36.07 18.23 -12.66
C TRP A 158 35.59 18.05 -14.08
N ALA A 159 36.49 17.64 -14.96
CA ALA A 159 36.14 17.45 -16.37
C ALA A 159 34.98 16.47 -16.50
N PHE A 160 35.03 15.37 -15.75
CA PHE A 160 33.98 14.36 -15.78
C PHE A 160 32.69 14.83 -15.14
N MET A 161 32.76 15.39 -13.93
CA MET A 161 31.53 15.73 -13.21
C MET A 161 30.79 16.88 -13.85
N SER A 162 31.48 17.70 -14.66
CA SER A 162 30.82 18.82 -15.33
C SER A 162 30.40 18.51 -16.75
N SER A 163 30.42 17.24 -17.16
CA SER A 163 30.15 16.91 -18.56
C SER A 163 29.33 15.64 -18.76
N ARG A 164 28.53 15.24 -17.77
CA ARG A 164 27.69 14.05 -17.88
C ARG A 164 26.40 14.37 -18.61
N GLN A 165 25.80 13.34 -19.22
CA GLN A 165 24.56 13.51 -19.99
C GLN A 165 23.42 14.03 -19.12
N GLN A 166 23.17 13.35 -18.00
CA GLN A 166 22.35 13.91 -16.93
C GLN A 166 23.32 14.62 -16.02
N SER A 167 23.16 15.92 -15.81
CA SER A 167 24.17 16.68 -15.09
C SER A 167 24.45 16.01 -13.75
N ALA A 168 25.74 15.81 -13.47
CA ALA A 168 26.19 15.25 -12.20
C ALA A 168 26.32 16.32 -11.15
N LEU A 169 26.16 17.58 -11.54
CA LEU A 169 26.10 18.70 -10.60
C LEU A 169 24.66 18.98 -10.17
N VAL A 170 24.35 18.64 -8.93
CA VAL A 170 22.96 18.59 -8.45
C VAL A 170 22.53 19.91 -7.83
N LYS A 171 21.23 20.12 -7.74
CA LYS A 171 20.67 21.39 -7.28
C LYS A 171 20.98 21.67 -5.81
N ASN A 172 20.92 20.64 -4.99
CA ASN A 172 21.08 20.79 -3.55
C ASN A 172 21.46 19.47 -2.93
N SER A 173 21.80 19.49 -1.64
CA SER A 173 22.27 18.31 -0.95
C SER A 173 21.28 17.17 -1.02
N ASP A 174 20.01 17.49 -0.80
CA ASP A 174 18.99 16.44 -0.74
C ASP A 174 18.92 15.67 -2.07
N GLU A 175 19.00 16.40 -3.19
CA GLU A 175 19.03 15.78 -4.50
C GLU A 175 20.24 14.87 -4.67
N GLY A 176 21.40 15.34 -4.23
CA GLY A 176 22.62 14.53 -4.30
C GLY A 176 22.55 13.27 -3.46
N ILE A 177 22.03 13.41 -2.24
CA ILE A 177 21.93 12.27 -1.34
C ILE A 177 20.97 11.22 -1.91
N GLN A 178 19.83 11.66 -2.46
CA GLN A 178 18.92 10.71 -3.07
C GLN A 178 19.54 10.00 -4.25
N ARG A 179 20.38 10.70 -4.98
CA ARG A 179 21.08 10.10 -6.11
C ARG A 179 22.07 9.02 -5.68
N VAL A 180 22.79 9.26 -4.57
CA VAL A 180 23.67 8.23 -4.02
C VAL A 180 22.89 7.01 -3.56
N LEU A 181 21.70 7.24 -2.98
CA LEU A 181 20.87 6.16 -2.45
C LEU A 181 20.16 5.34 -3.52
N THR A 182 19.89 5.94 -4.69
CA THR A 182 19.03 5.31 -5.69
C THR A 182 19.70 4.97 -7.01
N THR A 183 20.93 5.45 -7.22
CA THR A 183 21.68 5.18 -8.45
C THR A 183 23.15 4.97 -8.14
N ASP A 184 23.94 4.62 -9.16
CA ASP A 184 25.37 4.38 -8.98
C ASP A 184 26.13 5.69 -9.10
N TYR A 185 26.16 6.40 -7.98
CA TYR A 185 26.60 7.78 -7.94
C TYR A 185 27.27 8.07 -6.60
N ALA A 186 28.34 8.84 -6.65
CA ALA A 186 29.06 9.28 -5.46
C ALA A 186 29.01 10.80 -5.41
N LEU A 187 28.84 11.35 -4.22
CA LEU A 187 28.70 12.79 -4.04
C LEU A 187 29.92 13.33 -3.29
N LEU A 188 30.56 14.33 -3.87
CA LEU A 188 31.62 15.07 -3.20
C LEU A 188 30.92 16.06 -2.28
N MET A 189 31.30 16.07 -1.02
N MET A 189 31.25 15.98 -0.99
CA MET A 189 30.63 16.93 -0.08
CA MET A 189 30.44 16.51 0.12
C MET A 189 31.46 17.07 1.17
C MET A 189 31.32 16.82 1.33
N GLU A 190 30.98 17.88 2.08
CA GLU A 190 31.74 18.22 3.26
C GLU A 190 31.54 17.20 4.37
N SER A 191 32.61 16.99 5.12
CA SER A 191 32.71 15.92 6.11
C SER A 191 31.67 16.01 7.22
N THR A 192 31.35 17.24 7.63
CA THR A 192 30.27 17.52 8.57
C THR A 192 28.95 16.88 8.12
N SER A 193 28.63 17.13 6.86
CA SER A 193 27.42 16.62 6.27
C SER A 193 27.49 15.11 6.06
N ILE A 194 28.67 14.60 5.68
CA ILE A 194 28.81 13.15 5.51
C ILE A 194 28.56 12.44 6.83
N GLU A 195 29.08 12.98 7.93
CA GLU A 195 28.88 12.34 9.22
CA GLU A 195 28.88 12.39 9.26
C GLU A 195 27.40 12.29 9.58
N TYR A 196 26.67 13.36 9.31
CA TYR A 196 25.23 13.38 9.55
C TYR A 196 24.52 12.32 8.70
N VAL A 197 24.84 12.30 7.41
CA VAL A 197 24.16 11.44 6.48
C VAL A 197 24.47 9.98 6.70
N THR A 198 25.74 9.65 6.96
CA THR A 198 26.10 8.24 7.11
C THR A 198 25.48 7.65 8.37
N GLN A 199 25.37 8.43 9.44
CA GLN A 199 24.70 7.91 10.63
C GLN A 199 23.22 7.60 10.38
N ARG A 200 22.59 8.36 9.51
CA ARG A 200 21.17 8.16 9.19
C ARG A 200 20.94 7.18 8.06
N ASN A 201 22.02 6.70 7.44
CA ASN A 201 21.96 5.84 6.26
C ASN A 201 23.12 4.88 6.35
N CYS A 202 22.89 3.74 7.02
CA CYS A 202 23.99 2.85 7.38
C CYS A 202 24.56 2.06 6.21
N ASN A 203 23.90 2.13 5.06
CA ASN A 203 24.45 1.59 3.83
C ASN A 203 25.42 2.54 3.12
N LEU A 204 25.59 3.75 3.63
CA LEU A 204 26.51 4.72 3.03
C LEU A 204 27.74 4.93 3.90
N THR A 205 28.81 5.43 3.27
CA THR A 205 30.05 5.64 4.00
C THR A 205 30.84 6.77 3.36
N GLN A 206 31.79 7.29 4.11
CA GLN A 206 32.81 8.17 3.56
C GLN A 206 33.84 7.32 2.84
N ILE A 207 34.28 7.76 1.66
CA ILE A 207 35.34 7.11 0.91
C ILE A 207 36.59 7.97 1.02
N GLY A 208 37.66 7.40 1.56
CA GLY A 208 38.91 8.13 1.73
C GLY A 208 38.84 9.12 2.86
N GLY A 209 39.85 9.97 2.91
CA GLY A 209 39.96 10.98 3.94
C GLY A 209 39.48 12.31 3.43
N LEU A 210 39.77 13.36 4.19
CA LEU A 210 39.43 14.70 3.78
C LEU A 210 40.48 15.18 2.78
N ILE A 211 40.02 15.83 1.71
CA ILE A 211 40.92 16.30 0.66
C ILE A 211 41.25 17.79 0.80
N ASP A 212 40.60 18.48 1.74
CA ASP A 212 41.01 19.82 2.14
C ASP A 212 40.59 20.05 3.60
N SER A 213 40.84 21.24 4.10
CA SER A 213 40.58 21.57 5.50
CA SER A 213 40.55 21.57 5.49
C SER A 213 40.16 23.03 5.59
N LYS A 214 38.94 23.28 6.03
CA LYS A 214 38.34 24.61 6.03
C LYS A 214 37.45 24.79 7.23
N GLY A 215 36.83 25.95 7.32
CA GLY A 215 35.87 26.24 8.36
C GLY A 215 34.60 26.87 7.81
N TYR A 216 33.55 26.79 8.60
CA TYR A 216 32.33 27.56 8.35
C TYR A 216 32.35 28.80 9.21
N GLY A 217 31.94 29.92 8.65
CA GLY A 217 31.80 31.14 9.42
C GLY A 217 30.49 31.84 9.13
N VAL A 218 30.11 32.75 10.03
CA VAL A 218 28.98 33.62 9.77
C VAL A 218 29.45 34.67 8.78
N GLY A 219 28.70 34.85 7.70
CA GLY A 219 29.05 35.85 6.70
C GLY A 219 28.40 37.19 7.00
N THR A 220 29.12 38.27 6.69
CA THR A 220 28.58 39.62 6.76
C THR A 220 29.04 40.38 5.52
N PRO A 221 28.38 41.51 5.21
CA PRO A 221 28.95 42.38 4.19
C PRO A 221 30.32 42.88 4.61
N ILE A 222 31.18 43.18 3.65
CA ILE A 222 32.48 43.75 3.97
C ILE A 222 32.28 45.01 4.81
N GLY A 223 33.05 45.10 5.88
CA GLY A 223 33.05 46.26 6.74
C GLY A 223 32.01 46.24 7.85
N SER A 224 31.18 45.19 7.91
CA SER A 224 30.13 45.14 8.92
C SER A 224 30.74 45.08 10.32
N PRO A 225 30.22 45.91 11.24
CA PRO A 225 30.69 45.85 12.62
C PRO A 225 30.26 44.57 13.34
N TYR A 226 29.28 43.86 12.80
CA TYR A 226 28.84 42.60 13.41
C TYR A 226 29.87 41.50 13.29
N ARG A 227 30.74 41.55 12.29
CA ARG A 227 31.70 40.47 12.11
C ARG A 227 32.55 40.21 13.35
N ASP A 228 33.22 41.25 13.87
CA ASP A 228 34.10 41.07 15.03
C ASP A 228 33.31 40.73 16.28
N LYS A 229 32.11 41.27 16.41
CA LYS A 229 31.23 40.98 17.56
C LYS A 229 30.83 39.52 17.55
N ILE A 230 30.54 38.99 16.37
CA ILE A 230 30.17 37.58 16.23
C ILE A 230 31.37 36.68 16.50
N THR A 231 32.55 37.06 16.07
CA THR A 231 33.76 36.29 16.42
C THR A 231 33.92 36.15 17.93
N ILE A 232 33.74 37.25 18.64
CA ILE A 232 33.86 37.25 20.11
C ILE A 232 32.81 36.34 20.73
N ALA A 233 31.58 36.42 20.22
CA ALA A 233 30.48 35.60 20.73
C ALA A 233 30.73 34.11 20.45
N ILE A 234 31.27 33.79 19.28
CA ILE A 234 31.57 32.40 18.95
C ILE A 234 32.61 31.85 19.91
N LEU A 235 33.62 32.63 20.24
CA LEU A 235 34.63 32.22 21.21
C LEU A 235 33.98 31.95 22.57
N GLN A 236 33.05 32.81 22.98
CA GLN A 236 32.35 32.62 24.25
CA GLN A 236 32.32 32.63 24.24
C GLN A 236 31.55 31.31 24.21
N LEU A 237 30.81 31.09 23.13
CA LEU A 237 30.02 29.89 23.01
C LEU A 237 30.89 28.64 23.04
N GLN A 238 32.05 28.69 22.40
CA GLN A 238 32.99 27.57 22.45
C GLN A 238 33.45 27.30 23.88
N GLU A 239 33.90 28.35 24.57
CA GLU A 239 34.42 28.24 25.94
C GLU A 239 33.38 27.71 26.92
N GLU A 240 32.11 28.09 26.71
CA GLU A 240 31.01 27.65 27.59
C GLU A 240 30.61 26.19 27.35
N GLY A 241 31.03 25.63 26.23
CA GLY A 241 30.61 24.28 25.86
C GLY A 241 29.36 24.27 24.98
N LYS A 242 28.87 25.43 24.61
CA LYS A 242 27.60 25.49 23.87
C LYS A 242 27.73 25.02 22.42
N LEU A 243 28.88 25.24 21.78
CA LEU A 243 29.06 24.68 20.44
C LEU A 243 29.05 23.14 20.49
N HIS A 244 29.65 22.56 21.53
CA HIS A 244 29.61 21.11 21.69
C HIS A 244 28.19 20.61 21.91
N MET A 245 27.44 21.31 22.76
CA MET A 245 26.05 20.96 23.00
CA MET A 245 26.04 20.98 23.00
C MET A 245 25.24 20.97 21.70
N MET A 246 25.44 22.01 20.89
CA MET A 246 24.70 22.13 19.64
CA MET A 246 24.68 22.11 19.63
C MET A 246 25.07 21.02 18.64
N LYS A 247 26.36 20.69 18.58
CA LYS A 247 26.78 19.61 17.68
C LYS A 247 26.18 18.28 18.13
N GLU A 248 26.25 17.99 19.43
CA GLU A 248 25.69 16.76 19.92
C GLU A 248 24.19 16.67 19.67
N LYS A 249 23.50 17.80 19.80
CA LYS A 249 22.05 17.82 19.61
C LYS A 249 21.67 17.45 18.19
N TRP A 250 22.35 18.04 17.21
CA TRP A 250 21.90 17.89 15.84
C TRP A 250 22.55 16.73 15.09
N TRP A 251 23.67 16.22 15.60
CA TRP A 251 24.30 15.01 15.05
C TRP A 251 23.97 13.75 15.88
N ARG A 252 22.97 13.86 16.75
CA ARG A 252 22.54 12.76 17.64
C ARG A 252 22.11 11.56 16.84
N GLY A 253 22.51 10.38 17.26
CA GLY A 253 22.01 9.17 16.66
C GLY A 253 22.47 7.91 17.34
N ASN A 254 22.10 6.78 16.75
CA ASN A 254 22.29 5.46 17.33
C ASN A 254 23.52 4.76 16.76
N GLY A 255 24.20 5.42 15.82
CA GLY A 255 25.38 4.87 15.16
C GLY A 255 25.02 3.83 14.12
N CYS A 256 26.04 3.25 13.49
CA CYS A 256 25.84 2.16 12.55
C CYS A 256 26.73 0.99 12.94
N PRO A 257 26.14 -0.21 13.05
CA PRO A 257 26.90 -1.39 13.45
C PRO A 257 27.83 -1.90 12.34
N GLY B 1 -25.15 40.05 3.75
CA GLY B 1 -24.56 40.59 4.99
C GLY B 1 -23.61 39.62 5.67
N ALA B 2 -23.11 40.02 6.83
CA ALA B 2 -22.12 39.25 7.60
C ALA B 2 -22.61 37.88 8.03
N ASN B 3 -23.92 37.70 8.17
CA ASN B 3 -24.48 36.43 8.62
C ASN B 3 -25.23 35.68 7.53
N ARG B 4 -24.88 35.97 6.29
CA ARG B 4 -25.49 35.26 5.17
C ARG B 4 -25.22 33.76 5.24
N THR B 5 -26.19 32.98 4.76
CA THR B 5 -26.04 31.55 4.64
C THR B 5 -25.02 31.22 3.54
N LEU B 6 -24.07 30.35 3.85
CA LEU B 6 -23.08 29.90 2.87
C LEU B 6 -23.70 28.88 1.92
N ILE B 7 -23.38 28.97 0.64
CA ILE B 7 -23.80 28.00 -0.33
C ILE B 7 -22.73 26.93 -0.41
N VAL B 8 -23.12 25.68 -0.22
CA VAL B 8 -22.18 24.57 -0.22
C VAL B 8 -22.51 23.65 -1.38
N THR B 9 -21.57 23.56 -2.33
CA THR B 9 -21.74 22.63 -3.46
C THR B 9 -21.26 21.24 -3.05
N THR B 10 -22.00 20.24 -3.51
CA THR B 10 -21.64 18.85 -3.25
C THR B 10 -22.20 17.98 -4.36
N ILE B 11 -22.07 16.67 -4.22
CA ILE B 11 -22.46 15.74 -5.26
C ILE B 11 -22.90 14.45 -4.60
N LEU B 12 -23.90 13.78 -5.15
CA LEU B 12 -24.34 12.50 -4.62
C LEU B 12 -23.24 11.46 -4.82
N GLU B 13 -22.86 10.80 -3.73
CA GLU B 13 -21.75 9.85 -3.74
C GLU B 13 -21.84 9.08 -2.43
N GLU B 14 -22.12 7.79 -2.49
CA GLU B 14 -22.23 6.99 -1.25
C GLU B 14 -20.84 6.70 -0.68
N PRO B 15 -20.65 6.79 0.65
CA PRO B 15 -21.55 7.21 1.72
C PRO B 15 -21.34 8.67 2.17
N TYR B 16 -20.81 9.50 1.28
CA TYR B 16 -20.49 10.89 1.60
C TYR B 16 -21.72 11.77 1.59
N VAL B 17 -22.54 11.64 0.55
CA VAL B 17 -23.75 12.43 0.36
C VAL B 17 -24.77 11.50 -0.28
N MET B 18 -25.88 11.29 0.41
CA MET B 18 -26.92 10.37 -0.06
C MET B 18 -28.28 10.96 0.26
N TYR B 19 -29.30 10.56 -0.50
CA TYR B 19 -30.67 10.91 -0.16
C TYR B 19 -31.09 10.09 1.05
N ARG B 20 -31.56 10.80 2.09
CA ARG B 20 -32.13 10.14 3.25
C ARG B 20 -33.42 9.45 2.84
N LYS B 21 -33.65 8.25 3.35
CA LYS B 21 -34.85 7.47 3.03
C LYS B 21 -35.99 7.84 3.97
N SER B 22 -37.18 7.98 3.41
CA SER B 22 -38.35 8.38 4.18
C SER B 22 -39.63 7.94 3.46
N ASP B 23 -40.66 7.62 4.23
CA ASP B 23 -41.98 7.29 3.66
C ASP B 23 -42.80 8.55 3.34
N LYS B 24 -42.22 9.72 3.58
CA LYS B 24 -42.84 11.01 3.25
C LYS B 24 -41.77 11.98 2.72
N PRO B 25 -42.19 13.07 2.07
CA PRO B 25 -41.25 14.05 1.50
C PRO B 25 -40.32 14.74 2.52
N LEU B 26 -39.08 14.99 2.11
CA LEU B 26 -38.10 15.72 2.91
C LEU B 26 -37.71 17.02 2.21
N TYR B 27 -37.25 18.00 2.99
CA TYR B 27 -36.98 19.34 2.47
C TYR B 27 -35.62 19.87 2.91
N GLY B 28 -35.02 20.72 2.06
CA GLY B 28 -33.77 21.41 2.39
C GLY B 28 -32.63 20.45 2.69
N ASN B 29 -31.79 20.82 3.65
CA ASN B 29 -30.63 19.99 3.98
C ASN B 29 -31.00 18.61 4.51
N ASP B 30 -32.21 18.49 5.06
CA ASP B 30 -32.72 17.21 5.59
C ASP B 30 -32.94 16.15 4.51
N ARG B 31 -32.94 16.56 3.25
CA ARG B 31 -32.98 15.60 2.16
C ARG B 31 -31.75 14.68 2.15
N PHE B 32 -30.63 15.15 2.72
CA PHE B 32 -29.33 14.50 2.56
C PHE B 32 -28.79 13.98 3.87
N GLU B 33 -27.97 12.93 3.77
CA GLU B 33 -27.21 12.42 4.89
C GLU B 33 -25.90 11.87 4.36
N GLY B 34 -24.97 11.66 5.27
CA GLY B 34 -23.70 11.02 4.94
C GLY B 34 -22.52 11.69 5.60
N TYR B 35 -21.34 11.13 5.34
CA TYR B 35 -20.12 11.61 5.95
C TYR B 35 -19.94 13.11 5.75
N CYS B 36 -20.17 13.59 4.52
CA CYS B 36 -19.93 15.00 4.25
C CYS B 36 -20.95 15.90 4.93
N LEU B 37 -22.17 15.41 5.12
CA LEU B 37 -23.15 16.19 5.86
C LEU B 37 -22.76 16.29 7.33
N ASP B 38 -22.23 15.21 7.89
CA ASP B 38 -21.76 15.24 9.27
C ASP B 38 -20.55 16.16 9.40
N LEU B 39 -19.63 16.11 8.45
CA LEU B 39 -18.48 17.00 8.46
C LEU B 39 -18.93 18.45 8.39
N LEU B 40 -19.85 18.74 7.47
CA LEU B 40 -20.35 20.10 7.31
C LEU B 40 -21.03 20.62 8.58
N LYS B 41 -21.83 19.77 9.22
CA LYS B 41 -22.45 20.17 10.49
C LYS B 41 -21.40 20.52 11.53
N GLU B 42 -20.37 19.70 11.66
CA GLU B 42 -19.32 19.96 12.64
C GLU B 42 -18.57 21.26 12.33
N LEU B 43 -18.20 21.47 11.07
CA LEU B 43 -17.55 22.71 10.67
C LEU B 43 -18.43 23.93 10.95
N SER B 44 -19.72 23.80 10.66
CA SER B 44 -20.67 24.91 10.86
CA SER B 44 -20.70 24.88 10.86
C SER B 44 -20.76 25.28 12.34
N ASN B 45 -20.67 24.28 13.21
CA ASN B 45 -20.74 24.52 14.65
C ASN B 45 -19.49 25.21 15.13
N ILE B 46 -18.33 24.71 14.73
CA ILE B 46 -17.06 25.30 15.14
C ILE B 46 -16.90 26.73 14.63
N LEU B 47 -17.27 26.96 13.37
CA LEU B 47 -16.98 28.22 12.71
C LEU B 47 -18.15 29.21 12.72
N GLY B 48 -19.33 28.75 13.13
CA GLY B 48 -20.47 29.64 13.36
C GLY B 48 -21.11 30.15 12.08
N PHE B 49 -21.37 29.24 11.14
CA PHE B 49 -22.08 29.64 9.93
C PHE B 49 -23.31 28.78 9.68
N LEU B 50 -24.22 29.34 8.89
CA LEU B 50 -25.39 28.63 8.41
C LEU B 50 -25.06 28.21 6.97
N TYR B 51 -25.69 27.16 6.50
CA TYR B 51 -25.36 26.65 5.17
C TYR B 51 -26.56 26.05 4.45
N ASP B 52 -26.46 26.08 3.12
CA ASP B 52 -27.45 25.54 2.20
C ASP B 52 -26.74 24.60 1.25
N VAL B 53 -27.08 23.31 1.32
CA VAL B 53 -26.46 22.28 0.47
C VAL B 53 -27.12 22.26 -0.90
N LYS B 54 -26.31 22.43 -1.95
CA LYS B 54 -26.78 22.48 -3.33
C LYS B 54 -25.98 21.48 -4.16
N LEU B 55 -26.67 20.52 -4.77
CA LEU B 55 -26.01 19.56 -5.65
C LEU B 55 -25.49 20.27 -6.88
N VAL B 56 -24.26 19.96 -7.26
CA VAL B 56 -23.59 20.59 -8.37
C VAL B 56 -24.44 20.42 -9.65
N PRO B 57 -24.70 21.51 -10.37
CA PRO B 57 -25.68 21.43 -11.45
C PRO B 57 -25.38 20.37 -12.53
N ASP B 58 -24.12 20.24 -12.94
CA ASP B 58 -23.77 19.32 -14.04
C ASP B 58 -23.38 17.91 -13.57
N GLY B 59 -23.49 17.65 -12.27
CA GLY B 59 -23.22 16.33 -11.71
C GLY B 59 -21.78 15.84 -11.85
N LYS B 60 -20.84 16.77 -11.94
CA LYS B 60 -19.42 16.47 -12.13
C LYS B 60 -18.59 16.99 -10.98
N TYR B 61 -17.51 16.28 -10.68
CA TYR B 61 -16.54 16.75 -9.70
C TYR B 61 -15.77 17.94 -10.25
N GLY B 62 -15.17 17.78 -11.43
CA GLY B 62 -14.50 18.89 -12.08
C GLY B 62 -13.27 18.47 -12.85
N ALA B 63 -13.27 18.82 -14.14
CA ALA B 63 -12.12 18.61 -15.00
C ALA B 63 -12.05 19.78 -15.97
N GLN B 64 -10.90 19.97 -16.60
CA GLN B 64 -10.73 20.95 -17.67
C GLN B 64 -11.19 20.36 -18.99
N ASN B 65 -12.13 21.03 -19.65
CA ASN B 65 -12.65 20.56 -20.93
C ASN B 65 -11.76 21.01 -22.09
N ASP B 66 -12.19 20.73 -23.32
CA ASP B 66 -11.39 21.03 -24.51
C ASP B 66 -11.14 22.52 -24.76
N LYS B 67 -11.92 23.37 -24.11
CA LYS B 67 -11.75 24.81 -24.17
C LYS B 67 -10.84 25.35 -23.05
N GLY B 68 -10.34 24.44 -22.22
CA GLY B 68 -9.46 24.80 -21.09
C GLY B 68 -10.20 25.27 -19.85
N GLU B 69 -11.53 25.19 -19.89
CA GLU B 69 -12.36 25.69 -18.81
C GLU B 69 -12.74 24.56 -17.89
N TRP B 70 -12.91 24.89 -16.62
CA TRP B 70 -13.33 23.91 -15.63
C TRP B 70 -14.83 23.75 -15.62
N ASN B 71 -15.27 22.62 -15.10
CA ASN B 71 -16.68 22.31 -14.88
C ASN B 71 -16.87 21.79 -13.46
N GLY B 72 -18.06 21.30 -13.16
CA GLY B 72 -18.30 20.64 -11.87
C GLY B 72 -18.21 21.56 -10.67
N MET B 73 -17.93 20.96 -9.53
CA MET B 73 -17.82 21.72 -8.28
C MET B 73 -16.69 22.72 -8.33
N VAL B 74 -15.61 22.37 -9.03
CA VAL B 74 -14.46 23.26 -9.16
C VAL B 74 -14.93 24.58 -9.80
N LYS B 75 -15.70 24.48 -10.88
CA LYS B 75 -16.19 25.68 -11.55
C LYS B 75 -17.17 26.48 -10.69
N GLU B 76 -18.02 25.80 -9.92
CA GLU B 76 -18.91 26.50 -9.00
C GLU B 76 -18.14 27.42 -8.06
N LEU B 77 -16.99 26.93 -7.58
CA LEU B 77 -16.13 27.74 -6.72
C LEU B 77 -15.47 28.87 -7.51
N ILE B 78 -14.91 28.56 -8.67
CA ILE B 78 -14.22 29.58 -9.47
C ILE B 78 -15.12 30.78 -9.74
N ASP B 79 -16.38 30.48 -10.06
CA ASP B 79 -17.35 31.51 -10.44
C ASP B 79 -18.10 32.12 -9.25
N HIS B 80 -17.72 31.71 -8.04
CA HIS B 80 -18.32 32.21 -6.80
C HIS B 80 -19.80 31.89 -6.68
N ARG B 81 -20.25 30.82 -7.33
CA ARG B 81 -21.62 30.34 -7.14
C ARG B 81 -21.79 29.53 -5.86
N ALA B 82 -20.68 29.00 -5.34
CA ALA B 82 -20.62 28.29 -4.07
C ALA B 82 -19.52 28.91 -3.21
N ASP B 83 -19.75 28.95 -1.91
CA ASP B 83 -18.74 29.40 -0.96
C ASP B 83 -17.78 28.28 -0.58
N LEU B 84 -18.29 27.05 -0.51
CA LEU B 84 -17.52 25.88 -0.14
C LEU B 84 -17.93 24.69 -0.99
N ALA B 85 -16.99 23.77 -1.22
CA ALA B 85 -17.33 22.45 -1.73
C ALA B 85 -16.99 21.46 -0.64
N VAL B 86 -18.00 20.79 -0.11
CA VAL B 86 -17.81 19.76 0.91
C VAL B 86 -18.27 18.44 0.32
N ALA B 87 -17.27 17.66 -0.09
CA ALA B 87 -17.46 16.46 -0.89
C ALA B 87 -16.12 15.72 -0.84
N PRO B 88 -16.09 14.48 -1.32
CA PRO B 88 -14.80 13.80 -1.48
C PRO B 88 -14.06 14.35 -2.71
N LEU B 89 -13.54 15.57 -2.53
CA LEU B 89 -12.94 16.35 -3.61
C LEU B 89 -11.42 16.23 -3.48
N THR B 90 -10.83 15.58 -4.47
CA THR B 90 -9.42 15.24 -4.42
C THR B 90 -8.56 16.48 -4.65
N ILE B 91 -7.60 16.67 -3.76
CA ILE B 91 -6.65 17.77 -3.85
C ILE B 91 -5.61 17.42 -4.89
N THR B 92 -5.56 18.18 -5.97
CA THR B 92 -4.61 17.95 -7.05
C THR B 92 -3.91 19.27 -7.41
N TYR B 93 -2.70 19.15 -7.94
CA TYR B 93 -1.91 20.32 -8.33
C TYR B 93 -2.66 21.19 -9.35
N VAL B 94 -3.27 20.59 -10.35
CA VAL B 94 -3.95 21.41 -11.35
C VAL B 94 -5.16 22.16 -10.75
N ARG B 95 -5.85 21.54 -9.80
CA ARG B 95 -6.97 22.23 -9.16
C ARG B 95 -6.50 23.34 -8.25
N GLU B 96 -5.36 23.13 -7.60
CA GLU B 96 -4.78 24.15 -6.71
C GLU B 96 -4.44 25.45 -7.45
N LYS B 97 -4.29 25.38 -8.77
CA LYS B 97 -4.05 26.57 -9.56
C LYS B 97 -5.28 27.46 -9.66
N VAL B 98 -6.47 26.90 -9.47
CA VAL B 98 -7.72 27.62 -9.71
C VAL B 98 -8.67 27.71 -8.51
N ILE B 99 -8.55 26.81 -7.54
CA ILE B 99 -9.28 26.92 -6.27
C ILE B 99 -8.32 26.67 -5.10
N ASP B 100 -8.77 26.98 -3.88
CA ASP B 100 -8.01 26.67 -2.68
C ASP B 100 -8.62 25.44 -2.01
N PHE B 101 -7.78 24.70 -1.28
CA PHE B 101 -8.23 23.55 -0.50
C PHE B 101 -7.78 23.72 0.94
N SER B 102 -8.63 23.24 1.85
CA SER B 102 -8.19 22.99 3.22
C SER B 102 -7.15 21.88 3.21
N LYS B 103 -6.51 21.68 4.35
CA LYS B 103 -5.73 20.48 4.55
C LYS B 103 -6.68 19.27 4.44
N PRO B 104 -6.14 18.09 4.11
CA PRO B 104 -7.03 16.96 3.89
C PRO B 104 -7.73 16.46 5.14
N PHE B 105 -8.97 16.01 4.96
CA PHE B 105 -9.70 15.36 6.05
C PHE B 105 -9.71 13.83 5.93
N MET B 106 -9.21 13.31 4.81
CA MET B 106 -9.17 11.86 4.55
C MET B 106 -8.15 11.62 3.47
N THR B 107 -7.44 10.49 3.54
CA THR B 107 -6.50 10.12 2.49
C THR B 107 -7.07 9.00 1.63
N LEU B 108 -6.50 8.85 0.45
CA LEU B 108 -6.95 7.87 -0.52
C LEU B 108 -5.90 7.66 -1.58
N GLY B 109 -6.14 6.66 -2.42
CA GLY B 109 -5.39 6.51 -3.63
C GLY B 109 -6.23 5.77 -4.64
N ILE B 110 -5.88 5.92 -5.91
CA ILE B 110 -6.56 5.19 -6.95
C ILE B 110 -6.22 3.70 -6.87
N SER B 111 -7.21 2.84 -7.06
CA SER B 111 -6.97 1.43 -7.27
C SER B 111 -8.06 0.87 -8.18
N ILE B 112 -8.20 -0.46 -8.20
CA ILE B 112 -9.07 -1.14 -9.15
C ILE B 112 -10.14 -1.93 -8.40
N LEU B 113 -11.41 -1.72 -8.77
CA LEU B 113 -12.52 -2.54 -8.29
C LEU B 113 -12.89 -3.56 -9.36
N TYR B 114 -12.90 -4.84 -8.98
CA TYR B 114 -13.25 -5.92 -9.92
C TYR B 114 -13.82 -7.09 -9.14
N ARG B 115 -14.31 -8.10 -9.82
CA ARG B 115 -14.80 -9.28 -9.13
C ARG B 115 -13.68 -10.16 -8.61
N LYS B 116 -14.00 -10.95 -7.59
CA LYS B 116 -13.08 -11.94 -7.03
C LYS B 116 -12.92 -13.16 -7.92
N GLY B 117 -11.82 -13.88 -7.68
CA GLY B 117 -11.62 -15.22 -8.22
C GLY B 117 -11.05 -15.29 -9.62
N THR B 118 -10.53 -14.18 -10.12
CA THR B 118 -10.00 -14.13 -11.49
C THR B 118 -8.48 -14.10 -11.45
N PRO B 119 -7.84 -14.31 -12.61
CA PRO B 119 -6.39 -14.15 -12.68
C PRO B 119 -5.90 -12.70 -12.82
N ILE B 120 -6.79 -11.72 -12.79
CA ILE B 120 -6.38 -10.31 -12.87
C ILE B 120 -5.84 -9.88 -11.50
N ASP B 121 -4.56 -9.51 -11.45
CA ASP B 121 -3.92 -9.21 -10.17
C ASP B 121 -3.32 -7.81 -10.08
N SER B 122 -3.40 -7.04 -11.16
CA SER B 122 -2.73 -5.75 -11.25
C SER B 122 -3.26 -4.94 -12.41
N ALA B 123 -2.94 -3.64 -12.42
CA ALA B 123 -3.21 -2.77 -13.57
C ALA B 123 -2.58 -3.34 -14.83
N ASP B 124 -1.35 -3.83 -14.72
CA ASP B 124 -0.65 -4.45 -15.86
C ASP B 124 -1.47 -5.59 -16.49
N ASP B 125 -2.12 -6.40 -15.66
CA ASP B 125 -2.94 -7.51 -16.18
C ASP B 125 -4.14 -7.00 -16.97
N LEU B 126 -4.72 -5.86 -16.58
CA LEU B 126 -5.81 -5.26 -17.35
C LEU B 126 -5.27 -4.63 -18.62
N ALA B 127 -4.15 -3.92 -18.50
CA ALA B 127 -3.62 -3.17 -19.63
C ALA B 127 -3.23 -4.06 -20.81
N LYS B 128 -2.77 -5.28 -20.54
CA LYS B 128 -2.26 -6.16 -21.60
C LYS B 128 -3.32 -6.96 -22.33
N GLN B 129 -4.58 -6.75 -22.00
CA GLN B 129 -5.68 -7.47 -22.64
C GLN B 129 -6.81 -6.52 -23.04
N THR B 130 -7.78 -7.04 -23.79
CA THR B 130 -8.89 -6.22 -24.28
C THR B 130 -10.30 -6.81 -24.08
N LYS B 131 -10.40 -8.05 -23.62
CA LYS B 131 -11.71 -8.70 -23.44
C LYS B 131 -12.45 -8.06 -22.26
N ILE B 132 -11.73 -7.85 -21.15
CA ILE B 132 -12.28 -7.22 -19.96
C ILE B 132 -12.17 -5.71 -20.15
N GLU B 133 -13.29 -5.02 -20.15
CA GLU B 133 -13.26 -3.58 -20.31
C GLU B 133 -13.05 -2.96 -18.93
N TYR B 134 -12.54 -1.75 -18.93
CA TYR B 134 -12.30 -1.03 -17.70
C TYR B 134 -12.31 0.46 -17.98
N GLY B 135 -12.57 1.23 -16.93
CA GLY B 135 -12.69 2.66 -17.07
C GLY B 135 -12.79 3.36 -15.74
N ALA B 136 -13.37 4.55 -15.76
CA ALA B 136 -13.40 5.45 -14.62
C ALA B 136 -14.63 6.33 -14.76
N VAL B 137 -14.93 7.05 -13.69
CA VAL B 137 -16.01 8.03 -13.74
C VAL B 137 -15.51 9.24 -14.51
N ARG B 138 -16.35 9.76 -15.39
CA ARG B 138 -16.01 10.95 -16.17
C ARG B 138 -15.81 12.20 -15.32
N ASP B 139 -14.89 13.06 -15.76
CA ASP B 139 -14.77 14.43 -15.27
C ASP B 139 -14.37 14.54 -13.81
N GLY B 140 -13.58 13.58 -13.38
CA GLY B 140 -12.97 13.62 -12.06
C GLY B 140 -11.48 13.40 -12.10
N SER B 141 -10.89 13.33 -10.90
CA SER B 141 -9.45 13.23 -10.78
C SER B 141 -8.89 11.90 -11.25
N THR B 142 -9.65 10.82 -11.14
CA THR B 142 -9.15 9.53 -11.59
C THR B 142 -9.02 9.51 -13.11
N MET B 143 -10.05 10.00 -13.79
CA MET B 143 -9.98 10.15 -15.24
CA MET B 143 -10.00 10.18 -15.24
C MET B 143 -8.80 11.02 -15.63
N THR B 144 -8.63 12.14 -14.95
CA THR B 144 -7.56 13.07 -15.28
C THR B 144 -6.19 12.43 -15.06
N PHE B 145 -6.05 11.63 -13.99
CA PHE B 145 -4.81 10.92 -13.73
C PHE B 145 -4.40 10.09 -14.94
N PHE B 146 -5.33 9.31 -15.47
CA PHE B 146 -5.03 8.48 -16.63
C PHE B 146 -4.78 9.31 -17.88
N LYS B 147 -5.59 10.33 -18.10
CA LYS B 147 -5.47 11.17 -19.29
C LYS B 147 -4.11 11.85 -19.37
N LYS B 148 -3.55 12.21 -18.21
CA LYS B 148 -2.29 12.95 -18.15
C LYS B 148 -1.05 12.11 -17.84
N SER B 149 -1.22 10.84 -17.52
CA SER B 149 -0.08 10.03 -17.10
C SER B 149 0.96 9.86 -18.20
N LYS B 150 2.24 9.84 -17.82
CA LYS B 150 3.33 9.52 -18.73
C LYS B 150 3.90 8.12 -18.47
N ILE B 151 3.23 7.35 -17.61
CA ILE B 151 3.64 5.97 -17.34
C ILE B 151 3.06 5.06 -18.42
N SER B 152 3.90 4.23 -19.03
CA SER B 152 3.51 3.41 -20.18
C SER B 152 2.20 2.66 -19.97
N THR B 153 2.11 1.91 -18.88
CA THR B 153 0.92 1.12 -18.60
C THR B 153 -0.32 2.00 -18.53
N TYR B 154 -0.20 3.15 -17.88
CA TYR B 154 -1.36 4.00 -17.66
C TYR B 154 -1.74 4.74 -18.93
N GLU B 155 -0.75 5.07 -19.78
CA GLU B 155 -1.05 5.61 -21.13
C GLU B 155 -1.85 4.60 -21.96
N LYS B 156 -1.45 3.33 -21.91
CA LYS B 156 -2.15 2.28 -22.63
C LYS B 156 -3.57 2.14 -22.10
N MET B 157 -3.71 2.21 -20.78
CA MET B 157 -5.03 2.12 -20.17
C MET B 157 -5.92 3.29 -20.55
N TRP B 158 -5.35 4.50 -20.57
CA TRP B 158 -6.13 5.64 -21.00
C TRP B 158 -6.62 5.50 -22.44
N ALA B 159 -5.73 5.09 -23.33
CA ALA B 159 -6.08 4.90 -24.74
C ALA B 159 -7.28 3.94 -24.86
N PHE B 160 -7.25 2.85 -24.10
CA PHE B 160 -8.30 1.83 -24.14
C PHE B 160 -9.58 2.33 -23.50
N MET B 161 -9.49 2.88 -22.29
CA MET B 161 -10.71 3.24 -21.57
C MET B 161 -11.44 4.41 -22.21
N SER B 162 -10.74 5.21 -23.03
CA SER B 162 -11.37 6.37 -23.67
C SER B 162 -11.79 6.09 -25.11
N SER B 163 -11.80 4.84 -25.52
CA SER B 163 -12.09 4.51 -26.91
C SER B 163 -12.94 3.27 -27.11
N ARG B 164 -13.74 2.90 -26.10
CA ARG B 164 -14.61 1.73 -26.22
C ARG B 164 -15.92 2.09 -26.90
N GLN B 165 -16.56 1.10 -27.51
CA GLN B 165 -17.80 1.31 -28.26
C GLN B 165 -18.93 1.83 -27.36
N GLN B 166 -19.20 1.11 -26.28
CA GLN B 166 -20.00 1.63 -25.18
C GLN B 166 -18.99 2.32 -24.27
N SER B 167 -19.09 3.64 -24.13
CA SER B 167 -18.07 4.37 -23.39
C SER B 167 -17.79 3.73 -22.04
N ALA B 168 -16.51 3.48 -21.78
CA ALA B 168 -16.07 2.92 -20.50
C ALA B 168 -15.89 4.00 -19.45
N LEU B 169 -16.06 5.25 -19.84
CA LEU B 169 -16.07 6.37 -18.90
C LEU B 169 -17.51 6.66 -18.48
N VAL B 170 -17.85 6.25 -17.26
CA VAL B 170 -19.23 6.25 -16.79
C VAL B 170 -19.62 7.59 -16.16
N LYS B 171 -20.92 7.81 -16.04
CA LYS B 171 -21.45 9.09 -15.56
C LYS B 171 -21.15 9.36 -14.08
N ASN B 172 -21.22 8.30 -13.29
CA ASN B 172 -21.07 8.40 -11.83
C ASN B 172 -20.72 7.06 -11.24
N SER B 173 -20.37 7.05 -9.95
CA SER B 173 -19.94 5.84 -9.28
C SER B 173 -20.96 4.72 -9.38
N ASP B 174 -22.23 5.06 -9.14
CA ASP B 174 -23.28 4.05 -9.13
C ASP B 174 -23.36 3.30 -10.46
N GLU B 175 -23.27 4.03 -11.56
CA GLU B 175 -23.24 3.43 -12.89
C GLU B 175 -22.03 2.50 -13.06
N GLY B 176 -20.88 2.95 -12.59
CA GLY B 176 -19.66 2.13 -12.66
C GLY B 176 -19.75 0.86 -11.84
N ILE B 177 -20.28 0.98 -10.63
CA ILE B 177 -20.41 -0.18 -9.75
C ILE B 177 -21.39 -1.20 -10.34
N GLN B 178 -22.50 -0.74 -10.89
CA GLN B 178 -23.43 -1.65 -11.53
C GLN B 178 -22.80 -2.37 -12.71
N ARG B 179 -21.94 -1.68 -13.44
CA ARG B 179 -21.24 -2.30 -14.56
C ARG B 179 -20.28 -3.39 -14.11
N VAL B 180 -19.58 -3.15 -13.00
CA VAL B 180 -18.70 -4.18 -12.43
C VAL B 180 -19.50 -5.39 -11.97
N LEU B 181 -20.67 -5.12 -11.36
CA LEU B 181 -21.52 -6.21 -10.85
C LEU B 181 -22.20 -7.04 -11.94
N THR B 182 -22.49 -6.43 -13.08
CA THR B 182 -23.36 -7.06 -14.09
C THR B 182 -22.70 -7.40 -15.42
N THR B 183 -21.47 -6.93 -15.63
CA THR B 183 -20.73 -7.19 -16.86
C THR B 183 -19.26 -7.43 -16.55
N ASP B 184 -18.48 -7.82 -17.54
CA ASP B 184 -17.05 -8.08 -17.35
C ASP B 184 -16.27 -6.77 -17.47
N TYR B 185 -16.26 -6.05 -16.36
CA TYR B 185 -15.78 -4.66 -16.32
C TYR B 185 -15.12 -4.40 -14.98
N ALA B 186 -14.01 -3.65 -15.03
CA ALA B 186 -13.29 -3.19 -13.84
C ALA B 186 -13.36 -1.68 -13.77
N LEU B 187 -13.53 -1.14 -12.57
CA LEU B 187 -13.62 0.31 -12.38
C LEU B 187 -12.40 0.84 -11.65
N LEU B 188 -11.74 1.83 -12.24
CA LEU B 188 -10.66 2.54 -11.55
C LEU B 188 -11.32 3.54 -10.63
N MET B 189 -10.95 3.52 -9.37
N MET B 189 -11.02 3.41 -9.34
CA MET B 189 -11.59 4.40 -8.44
CA MET B 189 -11.82 3.97 -8.23
C MET B 189 -10.79 4.50 -7.17
C MET B 189 -10.95 4.26 -7.01
N GLU B 190 -11.25 5.35 -6.28
CA GLU B 190 -10.50 5.68 -5.08
C GLU B 190 -10.73 4.65 -3.98
N SER B 191 -9.66 4.41 -3.23
CA SER B 191 -9.61 3.33 -2.24
C SER B 191 -10.65 3.45 -1.14
N THR B 192 -10.93 4.68 -0.72
CA THR B 192 -12.02 4.98 0.21
C THR B 192 -13.33 4.38 -0.25
N SER B 193 -13.64 4.65 -1.50
CA SER B 193 -14.86 4.17 -2.10
C SER B 193 -14.82 2.66 -2.32
N ILE B 194 -13.68 2.11 -2.71
CA ILE B 194 -13.56 0.67 -2.86
C ILE B 194 -13.85 -0.05 -1.54
N GLU B 195 -13.32 0.47 -0.44
CA GLU B 195 -13.54 -0.09 0.90
CA GLU B 195 -13.54 -0.15 0.86
C GLU B 195 -15.03 -0.17 1.19
N TYR B 196 -15.74 0.93 0.91
CA TYR B 196 -17.18 0.97 1.15
C TYR B 196 -17.90 -0.07 0.29
N VAL B 197 -17.58 -0.09 -0.99
CA VAL B 197 -18.30 -0.94 -1.94
C VAL B 197 -18.03 -2.41 -1.71
N THR B 198 -16.77 -2.77 -1.47
CA THR B 198 -16.43 -4.18 -1.30
C THR B 198 -17.06 -4.78 -0.04
N GLN B 199 -17.19 -3.99 1.02
CA GLN B 199 -17.87 -4.50 2.21
C GLN B 199 -19.35 -4.80 1.94
N ARG B 200 -19.97 -4.02 1.05
CA ARG B 200 -21.37 -4.19 0.71
C ARG B 200 -21.58 -5.18 -0.42
N ASN B 201 -20.49 -5.67 -1.01
CA ASN B 201 -20.53 -6.53 -2.18
C ASN B 201 -19.39 -7.51 -2.10
N CYS B 202 -19.61 -8.62 -1.39
CA CYS B 202 -18.49 -9.48 -1.03
C CYS B 202 -17.93 -10.28 -2.19
N ASN B 203 -18.60 -10.25 -3.34
CA ASN B 203 -18.05 -10.81 -4.57
C ASN B 203 -17.06 -9.90 -5.28
N LEU B 204 -16.89 -8.66 -4.81
CA LEU B 204 -15.97 -7.71 -5.40
C LEU B 204 -14.76 -7.51 -4.50
N THR B 205 -13.69 -7.02 -5.09
CA THR B 205 -12.45 -6.82 -4.35
C THR B 205 -11.64 -5.73 -5.01
N GLN B 206 -10.70 -5.19 -4.25
CA GLN B 206 -9.62 -4.37 -4.80
C GLN B 206 -8.62 -5.26 -5.49
N ILE B 207 -8.19 -4.86 -6.69
CA ILE B 207 -7.13 -5.53 -7.43
C ILE B 207 -5.85 -4.71 -7.32
N GLY B 208 -4.79 -5.33 -6.79
CA GLY B 208 -3.53 -4.65 -6.57
C GLY B 208 -3.59 -3.63 -5.44
N GLY B 209 -2.59 -2.79 -5.37
CA GLY B 209 -2.49 -1.76 -4.35
C GLY B 209 -2.92 -0.41 -4.86
N LEU B 210 -2.63 0.62 -4.09
CA LEU B 210 -2.92 1.97 -4.50
C LEU B 210 -1.85 2.42 -5.50
N ILE B 211 -2.28 3.07 -6.57
CA ILE B 211 -1.35 3.50 -7.60
C ILE B 211 -0.98 4.99 -7.47
N ASP B 212 -1.62 5.70 -6.54
CA ASP B 212 -1.17 7.03 -6.14
C ASP B 212 -1.59 7.25 -4.70
N SER B 213 -1.31 8.43 -4.18
CA SER B 213 -1.60 8.76 -2.79
CA SER B 213 -1.62 8.76 -2.80
C SER B 213 -1.95 10.24 -2.69
N LYS B 214 -3.16 10.53 -2.21
CA LYS B 214 -3.61 11.92 -2.13
CA LYS B 214 -3.77 11.85 -2.28
C LYS B 214 -4.64 12.06 -1.05
N GLY B 215 -5.22 13.25 -0.97
CA GLY B 215 -6.18 13.55 0.07
C GLY B 215 -7.41 14.23 -0.49
N TYR B 216 -8.49 14.18 0.29
CA TYR B 216 -9.67 14.99 0.04
C TYR B 216 -9.61 16.22 0.92
N GLY B 217 -9.99 17.36 0.36
CA GLY B 217 -10.08 18.59 1.15
C GLY B 217 -11.35 19.35 0.84
N VAL B 218 -11.71 20.27 1.75
CA VAL B 218 -12.80 21.20 1.48
C VAL B 218 -12.30 22.22 0.48
N GLY B 219 -13.06 22.44 -0.59
CA GLY B 219 -12.70 23.43 -1.59
C GLY B 219 -13.29 24.79 -1.29
N THR B 220 -12.52 25.85 -1.57
CA THR B 220 -13.03 27.21 -1.50
C THR B 220 -12.53 27.99 -2.72
N PRO B 221 -13.17 29.13 -3.03
CA PRO B 221 -12.57 29.96 -4.05
C PRO B 221 -11.20 30.48 -3.61
N ILE B 222 -10.33 30.74 -4.58
CA ILE B 222 -9.05 31.34 -4.27
C ILE B 222 -9.27 32.60 -3.44
N GLY B 223 -8.48 32.73 -2.39
CA GLY B 223 -8.51 33.90 -1.52
C GLY B 223 -9.57 33.88 -0.43
N SER B 224 -10.38 32.82 -0.36
CA SER B 224 -11.42 32.76 0.65
C SER B 224 -10.82 32.69 2.05
N PRO B 225 -11.36 33.51 2.98
CA PRO B 225 -10.90 33.45 4.36
C PRO B 225 -11.30 32.17 5.08
N TYR B 226 -12.29 31.46 4.54
CA TYR B 226 -12.72 30.19 5.13
C TYR B 226 -11.69 29.07 5.02
N ARG B 227 -10.79 29.11 4.04
CA ARG B 227 -9.87 27.99 3.86
C ARG B 227 -9.03 27.74 5.11
N ASP B 228 -8.36 28.77 5.61
CA ASP B 228 -7.47 28.60 6.77
C ASP B 228 -8.24 28.23 8.03
N LYS B 229 -9.45 28.78 8.16
CA LYS B 229 -10.31 28.50 9.32
C LYS B 229 -10.77 27.06 9.30
N ILE B 230 -11.10 26.55 8.11
CA ILE B 230 -11.53 25.17 7.95
C ILE B 230 -10.37 24.19 8.21
N THR B 231 -9.16 24.52 7.77
CA THR B 231 -8.00 23.70 8.12
C THR B 231 -7.87 23.55 9.64
N ILE B 232 -7.98 24.65 10.35
CA ILE B 232 -7.86 24.62 11.81
C ILE B 232 -8.98 23.77 12.42
N ALA B 233 -10.21 23.92 11.92
CA ALA B 233 -11.34 23.12 12.40
C ALA B 233 -11.15 21.63 12.14
N ILE B 234 -10.63 21.28 10.96
CA ILE B 234 -10.38 19.89 10.63
C ILE B 234 -9.38 19.27 11.61
N LEU B 235 -8.34 20.03 11.94
CA LEU B 235 -7.37 19.56 12.92
C LEU B 235 -8.03 19.32 14.28
N GLN B 236 -8.90 20.23 14.70
CA GLN B 236 -9.63 20.04 15.95
CA GLN B 236 -9.66 20.05 15.95
C GLN B 236 -10.46 18.76 15.90
N LEU B 237 -11.18 18.55 14.80
CA LEU B 237 -12.01 17.35 14.68
C LEU B 237 -11.15 16.08 14.70
N GLN B 238 -9.99 16.13 14.06
CA GLN B 238 -9.07 15.00 14.12
C GLN B 238 -8.63 14.71 15.54
N GLU B 239 -8.17 15.75 16.24
CA GLU B 239 -7.62 15.59 17.59
C GLU B 239 -8.67 15.08 18.59
N GLU B 240 -9.90 15.50 18.42
CA GLU B 240 -11.01 15.06 19.29
C GLU B 240 -11.46 13.62 19.02
N GLY B 241 -11.05 13.05 17.90
CA GLY B 241 -11.52 11.73 17.49
C GLY B 241 -12.77 11.76 16.64
N LYS B 242 -13.23 12.94 16.24
CA LYS B 242 -14.49 13.02 15.51
C LYS B 242 -14.40 12.53 14.07
N LEU B 243 -13.26 12.71 13.43
CA LEU B 243 -13.10 12.17 12.08
C LEU B 243 -13.11 10.64 12.12
N HIS B 244 -12.54 10.05 13.16
CA HIS B 244 -12.60 8.59 13.32
C HIS B 244 -14.02 8.13 13.55
N MET B 245 -14.75 8.85 14.38
CA MET B 245 -16.16 8.54 14.63
CA MET B 245 -16.15 8.53 14.63
C MET B 245 -16.96 8.55 13.33
N MET B 246 -16.75 9.58 12.52
CA MET B 246 -17.49 9.74 11.26
CA MET B 246 -17.50 9.72 11.27
C MET B 246 -17.12 8.63 10.27
N LYS B 247 -15.85 8.27 10.21
CA LYS B 247 -15.46 7.19 9.31
C LYS B 247 -16.11 5.88 9.75
N GLU B 248 -16.03 5.57 11.04
CA GLU B 248 -16.63 4.34 11.54
C GLU B 248 -18.13 4.29 11.30
N LYS B 249 -18.80 5.44 11.42
CA LYS B 249 -20.24 5.49 11.22
C LYS B 249 -20.62 5.13 9.81
N TRP B 250 -19.93 5.72 8.83
CA TRP B 250 -20.36 5.59 7.44
C TRP B 250 -19.75 4.41 6.69
N TRP B 251 -18.66 3.85 7.22
CA TRP B 251 -18.09 2.64 6.66
C TRP B 251 -18.45 1.40 7.50
N ARG B 252 -19.45 1.55 8.37
CA ARG B 252 -19.89 0.48 9.26
C ARG B 252 -20.39 -0.69 8.45
N GLY B 253 -20.06 -1.90 8.88
CA GLY B 253 -20.65 -3.07 8.28
C GLY B 253 -20.22 -4.37 8.91
N ASN B 254 -20.65 -5.46 8.30
CA ASN B 254 -20.45 -6.79 8.84
C ASN B 254 -19.22 -7.49 8.30
N GLY B 255 -18.49 -6.80 7.40
CA GLY B 255 -17.31 -7.37 6.76
C GLY B 255 -17.63 -8.42 5.71
N CYS B 256 -16.59 -9.03 5.16
CA CYS B 256 -16.72 -10.12 4.21
C CYS B 256 -15.80 -11.25 4.64
N PRO B 257 -16.34 -12.48 4.71
CA PRO B 257 -15.53 -13.63 5.11
C PRO B 257 -14.59 -14.08 4.00
N THR C 5 20.66 -35.70 -5.99
CA THR C 5 19.76 -34.51 -6.01
C THR C 5 19.83 -33.78 -4.68
N LEU C 6 20.25 -32.52 -4.73
CA LEU C 6 20.37 -31.69 -3.54
C LEU C 6 19.00 -31.19 -3.09
N ILE C 7 18.77 -31.18 -1.78
CA ILE C 7 17.56 -30.60 -1.23
C ILE C 7 17.84 -29.13 -0.92
N VAL C 8 17.04 -28.25 -1.50
CA VAL C 8 17.17 -26.82 -1.28
C VAL C 8 16.02 -26.34 -0.41
N THR C 9 16.36 -25.82 0.77
CA THR C 9 15.35 -25.20 1.63
C THR C 9 15.15 -23.73 1.24
N THR C 10 13.90 -23.29 1.29
CA THR C 10 13.56 -21.93 0.95
C THR C 10 12.23 -21.59 1.59
N ILE C 11 11.72 -20.39 1.34
CA ILE C 11 10.54 -19.88 2.00
C ILE C 11 9.81 -18.96 1.04
N LEU C 12 8.47 -18.99 1.05
CA LEU C 12 7.70 -18.05 0.22
C LEU C 12 7.91 -16.63 0.69
N GLU C 13 8.31 -15.77 -0.24
CA GLU C 13 8.62 -14.37 0.07
C GLU C 13 8.71 -13.63 -1.26
N GLU C 14 7.82 -12.68 -1.49
CA GLU C 14 7.80 -11.94 -2.76
C GLU C 14 8.93 -10.93 -2.79
N PRO C 15 9.62 -10.77 -3.94
CA PRO C 15 9.59 -11.50 -5.20
C PRO C 15 10.68 -12.57 -5.30
N TYR C 16 11.17 -13.04 -4.16
CA TYR C 16 12.25 -14.02 -4.14
C TYR C 16 11.77 -15.42 -4.51
N VAL C 17 10.67 -15.83 -3.90
CA VAL C 17 10.11 -17.17 -4.05
C VAL C 17 8.60 -17.04 -4.03
N MET C 18 7.96 -17.43 -5.12
CA MET C 18 6.52 -17.23 -5.30
C MET C 18 5.96 -18.45 -6.04
N TYR C 19 4.67 -18.72 -5.84
CA TYR C 19 4.00 -19.73 -6.65
C TYR C 19 3.76 -19.13 -8.02
N ARG C 20 4.27 -19.80 -9.04
CA ARG C 20 4.05 -19.40 -10.42
C ARG C 20 2.56 -19.50 -10.73
N LYS C 21 2.07 -18.55 -11.51
CA LYS C 21 0.68 -18.55 -11.93
C LYS C 21 0.57 -19.26 -13.28
N SER C 22 -0.47 -20.09 -13.41
CA SER C 22 -0.67 -20.87 -14.64
C SER C 22 -2.13 -21.25 -14.84
N ASP C 23 -2.49 -21.47 -16.09
CA ASP C 23 -3.84 -21.94 -16.46
C ASP C 23 -4.08 -23.39 -16.06
N LYS C 24 -3.00 -24.13 -15.80
CA LYS C 24 -3.10 -25.53 -15.42
C LYS C 24 -2.37 -25.78 -14.10
N PRO C 25 -2.69 -26.90 -13.43
CA PRO C 25 -1.94 -27.31 -12.25
C PRO C 25 -0.44 -27.48 -12.53
N LEU C 26 0.37 -26.99 -11.61
CA LEU C 26 1.83 -27.12 -11.68
C LEU C 26 2.32 -27.99 -10.53
N TYR C 27 3.42 -28.70 -10.77
CA TYR C 27 4.02 -29.58 -9.76
C TYR C 27 5.54 -29.46 -9.73
N GLY C 28 6.15 -29.94 -8.66
CA GLY C 28 7.62 -29.98 -8.53
C GLY C 28 8.28 -28.61 -8.43
N ASN C 29 9.52 -28.51 -8.89
CA ASN C 29 10.23 -27.22 -8.89
C ASN C 29 9.54 -26.17 -9.74
N ASP C 30 8.80 -26.61 -10.75
CA ASP C 30 8.10 -25.70 -11.67
C ASP C 30 6.93 -24.94 -11.01
N ARG C 31 6.51 -25.35 -9.81
CA ARG C 31 5.55 -24.59 -9.02
C ARG C 31 6.05 -23.19 -8.66
N PHE C 32 7.37 -23.02 -8.62
CA PHE C 32 7.98 -21.83 -8.05
C PHE C 32 8.66 -20.94 -9.05
N GLU C 33 8.64 -19.63 -8.79
CA GLU C 33 9.40 -18.67 -9.56
C GLU C 33 9.87 -17.54 -8.64
N GLY C 34 10.77 -16.72 -9.16
CA GLY C 34 11.25 -15.54 -8.46
C GLY C 34 12.74 -15.40 -8.52
N TYR C 35 13.24 -14.34 -7.92
CA TYR C 35 14.66 -14.05 -7.92
C TYR C 35 15.48 -15.24 -7.43
N CYS C 36 15.07 -15.85 -6.33
CA CYS C 36 15.84 -16.95 -5.76
C CYS C 36 15.78 -18.22 -6.63
N LEU C 37 14.69 -18.42 -7.34
CA LEU C 37 14.59 -19.55 -8.28
C LEU C 37 15.51 -19.31 -9.46
N ASP C 38 15.57 -18.08 -9.94
CA ASP C 38 16.51 -17.73 -10.99
C ASP C 38 17.96 -17.92 -10.52
N LEU C 39 18.26 -17.49 -9.31
CA LEU C 39 19.59 -17.68 -8.74
C LEU C 39 19.92 -19.17 -8.64
N LEU C 40 18.97 -19.95 -8.13
CA LEU C 40 19.17 -21.37 -7.95
C LEU C 40 19.40 -22.06 -9.30
N LYS C 41 18.62 -21.69 -10.30
CA LYS C 41 18.83 -22.23 -11.65
C LYS C 41 20.24 -21.93 -12.13
N GLU C 42 20.68 -20.68 -11.97
CA GLU C 42 22.03 -20.31 -12.37
C GLU C 42 23.09 -21.14 -11.65
N LEU C 43 22.98 -21.25 -10.32
CA LEU C 43 23.94 -22.04 -9.56
C LEU C 43 23.97 -23.49 -10.05
N SER C 44 22.79 -24.06 -10.27
CA SER C 44 22.69 -25.45 -10.71
CA SER C 44 22.65 -25.44 -10.74
C SER C 44 23.37 -25.64 -12.06
N ASN C 45 23.23 -24.67 -12.95
CA ASN C 45 23.84 -24.77 -14.28
C ASN C 45 25.35 -24.53 -14.23
N ILE C 46 25.77 -23.54 -13.45
CA ILE C 46 27.20 -23.23 -13.33
C ILE C 46 28.00 -24.33 -12.63
N LEU C 47 27.43 -24.91 -11.57
CA LEU C 47 28.10 -25.95 -10.79
C LEU C 47 27.75 -27.36 -11.23
N GLY C 48 26.64 -27.53 -11.92
CA GLY C 48 26.22 -28.84 -12.42
C GLY C 48 25.69 -29.73 -11.32
N PHE C 49 24.60 -29.29 -10.68
CA PHE C 49 23.87 -30.15 -9.74
C PHE C 49 22.37 -30.24 -10.04
N LEU C 50 21.74 -31.30 -9.56
CA LEU C 50 20.30 -31.49 -9.60
C LEU C 50 19.73 -31.06 -8.26
N TYR C 51 18.48 -30.60 -8.25
CA TYR C 51 17.91 -30.11 -7.00
C TYR C 51 16.41 -30.28 -6.88
N ASP C 52 15.96 -30.25 -5.63
CA ASP C 52 14.57 -30.41 -5.24
C ASP C 52 14.27 -29.27 -4.27
N VAL C 53 13.37 -28.37 -4.67
CA VAL C 53 12.99 -27.25 -3.80
C VAL C 53 11.96 -27.69 -2.77
N LYS C 54 12.28 -27.48 -1.50
CA LYS C 54 11.38 -27.83 -0.40
C LYS C 54 11.17 -26.62 0.51
N LEU C 55 9.93 -26.14 0.60
CA LEU C 55 9.61 -25.04 1.49
C LEU C 55 9.84 -25.46 2.94
N VAL C 56 10.47 -24.58 3.72
CA VAL C 56 10.76 -24.89 5.12
C VAL C 56 9.44 -25.20 5.87
N PRO C 57 9.35 -26.39 6.47
CA PRO C 57 8.09 -26.76 7.10
C PRO C 57 7.48 -25.74 8.08
N ASP C 58 8.29 -25.16 8.96
CA ASP C 58 7.73 -24.25 9.97
C ASP C 58 7.54 -22.81 9.47
N GLY C 59 7.91 -22.52 8.22
CA GLY C 59 7.67 -21.21 7.62
C GLY C 59 8.47 -20.10 8.27
N LYS C 60 9.62 -20.44 8.84
CA LYS C 60 10.48 -19.48 9.53
C LYS C 60 11.86 -19.39 8.90
N TYR C 61 12.49 -18.23 9.03
CA TYR C 61 13.85 -18.05 8.53
C TYR C 61 14.85 -18.72 9.47
N GLY C 62 14.79 -18.37 10.75
CA GLY C 62 15.61 -19.03 11.75
C GLY C 62 16.06 -18.11 12.87
N ALA C 63 15.72 -18.50 14.08
CA ALA C 63 16.22 -17.81 15.26
C ALA C 63 16.47 -18.85 16.32
N GLN C 64 17.34 -18.53 17.27
CA GLN C 64 17.64 -19.46 18.34
C GLN C 64 16.89 -19.07 19.61
N ASN C 65 16.16 -20.04 20.16
CA ASN C 65 15.35 -19.83 21.35
C ASN C 65 16.20 -19.83 22.63
N ASP C 66 15.54 -19.71 23.77
CA ASP C 66 16.20 -19.72 25.08
C ASP C 66 16.98 -21.01 25.37
N LYS C 67 16.44 -22.14 24.94
CA LYS C 67 17.10 -23.44 25.11
C LYS C 67 18.32 -23.61 24.21
N GLY C 68 18.56 -22.63 23.33
CA GLY C 68 19.73 -22.62 22.45
C GLY C 68 19.51 -23.37 21.15
N GLU C 69 18.24 -23.66 20.84
CA GLU C 69 17.91 -24.45 19.65
C GLU C 69 17.43 -23.54 18.54
N TRP C 70 17.81 -23.88 17.32
CA TRP C 70 17.42 -23.13 16.13
C TRP C 70 16.15 -23.69 15.53
N ASN C 71 15.50 -22.86 14.72
CA ASN C 71 14.35 -23.27 13.94
C ASN C 71 14.53 -22.79 12.51
N GLY C 72 13.50 -22.97 11.70
CA GLY C 72 13.52 -22.41 10.34
C GLY C 72 14.53 -23.04 9.40
N MET C 73 14.92 -22.29 8.39
CA MET C 73 15.85 -22.77 7.38
C MET C 73 17.23 -23.04 7.99
N VAL C 74 17.60 -22.24 8.98
CA VAL C 74 18.88 -22.43 9.65
C VAL C 74 18.94 -23.82 10.27
N LYS C 75 17.86 -24.23 10.94
CA LYS C 75 17.80 -25.59 11.51
C LYS C 75 17.82 -26.68 10.46
N GLU C 76 17.15 -26.47 9.34
CA GLU C 76 17.17 -27.46 8.27
C GLU C 76 18.60 -27.72 7.80
N LEU C 77 19.42 -26.68 7.74
CA LEU C 77 20.82 -26.84 7.36
C LEU C 77 21.63 -27.53 8.45
N ILE C 78 21.48 -27.06 9.69
CA ILE C 78 22.20 -27.63 10.84
C ILE C 78 21.97 -29.14 10.90
N ASP C 79 20.72 -29.55 10.75
CA ASP C 79 20.34 -30.96 10.88
C ASP C 79 20.50 -31.81 9.61
N HIS C 80 21.06 -31.21 8.55
CA HIS C 80 21.31 -31.91 7.28
C HIS C 80 20.05 -32.39 6.58
N ARG C 81 18.97 -31.64 6.74
CA ARG C 81 17.73 -31.92 6.02
C ARG C 81 17.63 -31.10 4.75
N ALA C 82 18.58 -30.20 4.57
CA ALA C 82 18.76 -29.48 3.31
C ALA C 82 20.25 -29.38 3.03
N ASP C 83 20.61 -29.40 1.75
CA ASP C 83 22.00 -29.26 1.35
C ASP C 83 22.37 -27.79 1.18
N LEU C 84 21.38 -26.97 0.83
CA LEU C 84 21.61 -25.53 0.75
C LEU C 84 20.31 -24.78 0.96
N ALA C 85 20.44 -23.52 1.34
CA ALA C 85 19.31 -22.61 1.50
C ALA C 85 19.49 -21.52 0.48
N VAL C 86 18.52 -21.39 -0.43
CA VAL C 86 18.53 -20.30 -1.40
C VAL C 86 17.26 -19.49 -1.18
N ALA C 87 17.45 -18.36 -0.52
CA ALA C 87 16.38 -17.55 0.01
C ALA C 87 16.99 -16.21 0.38
N PRO C 88 16.16 -15.19 0.69
CA PRO C 88 16.72 -13.96 1.24
C PRO C 88 17.11 -14.17 2.71
N LEU C 89 18.21 -14.91 2.89
CA LEU C 89 18.69 -15.34 4.19
C LEU C 89 19.84 -14.44 4.60
N THR C 90 19.61 -13.67 5.66
CA THR C 90 20.52 -12.63 6.06
C THR C 90 21.75 -13.22 6.76
N ILE C 91 22.91 -12.75 6.32
CA ILE C 91 24.19 -13.18 6.87
C ILE C 91 24.40 -12.44 8.16
N THR C 92 24.46 -13.17 9.27
CA THR C 92 24.67 -12.56 10.58
C THR C 92 25.73 -13.30 11.36
N TYR C 93 26.36 -12.60 12.28
CA TYR C 93 27.43 -13.16 13.13
C TYR C 93 26.95 -14.40 13.88
N VAL C 94 25.78 -14.32 14.50
CA VAL C 94 25.28 -15.45 15.28
C VAL C 94 24.97 -16.67 14.39
N ARG C 95 24.51 -16.45 13.15
CA ARG C 95 24.28 -17.56 12.24
C ARG C 95 25.57 -18.16 11.70
N GLU C 96 26.59 -17.33 11.50
CA GLU C 96 27.89 -17.81 11.03
C GLU C 96 28.56 -18.77 12.02
N LYS C 97 28.12 -18.75 13.27
CA LYS C 97 28.62 -19.71 14.27
C LYS C 97 28.16 -21.12 14.00
N VAL C 98 27.06 -21.29 13.26
CA VAL C 98 26.42 -22.60 13.11
C VAL C 98 26.20 -23.08 11.68
N ILE C 99 26.20 -22.15 10.71
CA ILE C 99 26.13 -22.50 9.28
C ILE C 99 27.13 -21.63 8.51
N ASP C 100 27.35 -21.99 7.25
CA ASP C 100 28.17 -21.18 6.36
C ASP C 100 27.31 -20.36 5.40
N PHE C 101 27.82 -19.21 5.00
CA PHE C 101 27.20 -18.41 3.94
C PHE C 101 28.18 -18.18 2.80
N SER C 102 27.61 -18.07 1.60
CA SER C 102 28.36 -17.61 0.44
C SER C 102 28.68 -16.14 0.58
N LYS C 103 29.54 -15.65 -0.31
CA LYS C 103 29.63 -14.22 -0.56
C LYS C 103 28.21 -13.68 -0.81
N PRO C 104 27.94 -12.46 -0.36
CA PRO C 104 26.57 -11.97 -0.49
C PRO C 104 26.14 -11.73 -1.93
N PHE C 105 24.89 -12.06 -2.25
CA PHE C 105 24.38 -11.84 -3.59
C PHE C 105 23.50 -10.59 -3.70
N MET C 106 23.15 -10.01 -2.56
CA MET C 106 22.35 -8.78 -2.54
C MET C 106 22.57 -8.12 -1.19
N THR C 107 22.60 -6.80 -1.16
CA THR C 107 22.75 -6.06 0.09
C THR C 107 21.40 -5.53 0.56
N LEU C 108 21.32 -5.24 1.85
CA LEU C 108 20.09 -4.74 2.45
C LEU C 108 20.42 -4.12 3.78
N GLY C 109 19.43 -3.48 4.38
CA GLY C 109 19.50 -3.06 5.76
C GLY C 109 18.11 -2.98 6.31
N ILE C 110 18.00 -3.00 7.63
CA ILE C 110 16.71 -2.82 8.28
C ILE C 110 16.26 -1.36 8.13
N SER C 111 14.99 -1.18 7.82
CA SER C 111 14.39 0.13 7.88
C SER C 111 12.91 -0.03 8.29
N ILE C 112 12.11 1.00 8.07
CA ILE C 112 10.74 1.05 8.56
C ILE C 112 9.78 1.23 7.39
N LEU C 113 8.76 0.38 7.32
CA LEU C 113 7.65 0.52 6.38
C LEU C 113 6.44 1.11 7.10
N TYR C 114 5.92 2.22 6.57
CA TYR C 114 4.78 2.89 7.20
C TYR C 114 3.99 3.67 6.14
N ARG C 115 2.85 4.22 6.53
CA ARG C 115 2.07 5.08 5.65
C ARG C 115 2.79 6.40 5.36
N LYS C 116 2.50 6.98 4.20
CA LYS C 116 2.92 8.35 3.87
C LYS C 116 2.11 9.37 4.66
N GLY C 117 2.64 10.58 4.74
CA GLY C 117 1.87 11.73 5.21
C GLY C 117 1.99 12.07 6.69
N THR C 118 2.88 11.38 7.40
CA THR C 118 3.04 11.60 8.83
C THR C 118 4.38 12.30 9.11
N PRO C 119 4.52 12.89 10.32
CA PRO C 119 5.80 13.49 10.69
C PRO C 119 6.89 12.51 11.15
N ILE C 120 6.59 11.21 11.23
CA ILE C 120 7.57 10.22 11.71
C ILE C 120 8.71 10.08 10.69
N ASP C 121 9.95 10.21 11.14
CA ASP C 121 11.10 10.27 10.24
C ASP C 121 12.28 9.36 10.64
N SER C 122 12.13 8.62 11.73
CA SER C 122 13.21 7.81 12.25
C SER C 122 12.69 6.77 13.23
N ALA C 123 13.54 5.80 13.53
CA ALA C 123 13.26 4.84 14.60
C ALA C 123 13.07 5.55 15.93
N ASP C 124 13.87 6.59 16.19
CA ASP C 124 13.72 7.36 17.43
C ASP C 124 12.31 7.92 17.55
N ASP C 125 11.76 8.43 16.46
CA ASP C 125 10.40 8.98 16.47
C ASP C 125 9.36 7.92 16.77
N LEU C 126 9.64 6.68 16.40
N LEU C 126 9.51 6.77 16.15
CA LEU C 126 8.86 5.52 16.87
CA LEU C 126 8.48 5.73 16.20
C LEU C 126 9.15 5.16 18.32
C LEU C 126 8.34 5.27 17.65
N ALA C 127 10.43 5.10 18.67
N ALA C 127 9.47 5.19 18.34
CA ALA C 127 10.83 4.60 19.98
CA ALA C 127 9.48 4.70 19.71
C ALA C 127 10.29 5.48 21.11
C ALA C 127 8.89 5.71 20.69
N LYS C 128 10.21 6.78 20.87
N LYS C 128 9.08 7.01 20.42
CA LYS C 128 9.82 7.72 21.93
CA LYS C 128 8.62 8.06 21.33
C LYS C 128 8.31 7.83 22.12
C LYS C 128 7.10 8.20 21.37
N GLN C 129 7.55 6.98 21.45
N GLN C 129 6.46 8.07 20.21
CA GLN C 129 6.09 7.05 21.54
CA GLN C 129 5.03 8.30 20.10
C GLN C 129 5.47 5.65 21.56
C GLN C 129 4.19 7.09 20.52
N LYS C 131 1.66 5.31 20.48
CA LYS C 131 0.39 5.38 19.73
C LYS C 131 0.37 4.57 18.42
N ILE C 132 1.38 4.77 17.58
CA ILE C 132 1.57 3.94 16.41
C ILE C 132 2.23 2.66 16.90
N GLU C 133 1.61 1.51 16.60
CA GLU C 133 2.19 0.22 16.96
C GLU C 133 3.26 -0.13 15.94
N TYR C 134 4.25 -0.90 16.35
CA TYR C 134 5.30 -1.31 15.45
C TYR C 134 5.89 -2.63 15.88
N GLY C 135 6.43 -3.35 14.93
CA GLY C 135 6.95 -4.69 15.21
C GLY C 135 7.74 -5.23 14.04
N ALA C 136 7.94 -6.55 14.05
CA ALA C 136 8.77 -7.24 13.05
C ALA C 136 8.19 -8.64 12.84
N VAL C 137 8.65 -9.30 11.79
CA VAL C 137 8.33 -10.71 11.55
C VAL C 137 9.06 -11.58 12.59
N ARG C 138 8.34 -12.52 13.18
CA ARG C 138 8.93 -13.39 14.20
C ARG C 138 9.97 -14.34 13.61
N ASP C 139 11.02 -14.61 14.39
CA ASP C 139 11.97 -15.69 14.09
CA ASP C 139 12.05 -15.62 14.15
C ASP C 139 12.88 -15.40 12.90
N GLY C 140 13.15 -14.13 12.65
CA GLY C 140 14.08 -13.74 11.60
C GLY C 140 15.13 -12.82 12.16
N SER C 141 16.00 -12.34 11.29
CA SER C 141 17.11 -11.52 11.68
C SER C 141 16.73 -10.13 12.16
N THR C 142 15.62 -9.60 11.66
CA THR C 142 15.18 -8.26 12.10
C THR C 142 14.72 -8.33 13.56
N MET C 143 13.96 -9.37 13.89
CA MET C 143 13.52 -9.56 15.27
CA MET C 143 13.53 -9.58 15.27
C MET C 143 14.74 -9.72 16.17
N THR C 144 15.68 -10.55 15.73
CA THR C 144 16.87 -10.84 16.52
C THR C 144 17.71 -9.59 16.73
N PHE C 145 17.80 -8.73 15.72
CA PHE C 145 18.53 -7.47 15.84
C PHE C 145 18.02 -6.67 17.03
N PHE C 146 16.71 -6.54 17.15
CA PHE C 146 16.11 -5.79 18.25
C PHE C 146 16.23 -6.52 19.58
N LYS C 147 15.98 -7.82 19.57
CA LYS C 147 16.05 -8.63 20.79
C LYS C 147 17.42 -8.58 21.45
N LYS C 148 18.48 -8.56 20.64
CA LYS C 148 19.86 -8.60 21.13
C LYS C 148 20.59 -7.26 21.19
N SER C 149 19.94 -6.18 20.77
CA SER C 149 20.59 -4.87 20.72
C SER C 149 20.98 -4.36 22.11
N LYS C 150 22.10 -3.63 22.14
CA LYS C 150 22.58 -2.94 23.34
C LYS C 150 22.38 -1.42 23.21
N ILE C 151 21.74 -1.00 22.13
CA ILE C 151 21.48 0.41 21.84
CA ILE C 151 21.49 0.41 21.86
C ILE C 151 20.18 0.83 22.51
N SER C 152 20.21 1.90 23.31
CA SER C 152 19.05 2.33 24.08
C SER C 152 17.76 2.40 23.29
N THR C 153 17.80 3.04 22.12
CA THR C 153 16.59 3.18 21.31
C THR C 153 16.02 1.82 20.90
N TYR C 154 16.90 0.93 20.50
CA TYR C 154 16.45 -0.36 19.99
C TYR C 154 16.02 -1.27 21.15
N GLU C 155 16.64 -1.12 22.30
CA GLU C 155 16.20 -1.83 23.51
C GLU C 155 14.78 -1.40 23.88
N LYS C 156 14.52 -0.09 23.82
CA LYS C 156 13.19 0.42 24.08
C LYS C 156 12.17 -0.13 23.08
N MET C 157 12.57 -0.14 21.81
CA MET C 157 11.71 -0.69 20.78
C MET C 157 11.43 -2.16 21.00
N TRP C 158 12.44 -2.94 21.39
CA TRP C 158 12.23 -4.35 21.66
C TRP C 158 11.24 -4.54 22.83
N ALA C 159 11.39 -3.74 23.89
CA ALA C 159 10.49 -3.84 25.04
C ALA C 159 9.05 -3.59 24.64
N PHE C 160 8.84 -2.65 23.71
CA PHE C 160 7.51 -2.42 23.15
C PHE C 160 7.05 -3.60 22.29
N MET C 161 7.88 -3.98 21.32
CA MET C 161 7.55 -5.04 20.37
CA MET C 161 7.51 -5.00 20.34
C MET C 161 7.15 -6.34 21.01
N SER C 162 7.88 -6.68 22.06
CA SER C 162 7.71 -7.96 22.73
C SER C 162 6.78 -7.85 23.92
N SER C 163 6.27 -6.64 24.22
CA SER C 163 5.38 -6.42 25.36
CA SER C 163 5.43 -6.45 25.40
C SER C 163 4.33 -7.51 25.40
N ARG C 164 4.19 -8.16 26.56
CA ARG C 164 3.40 -9.38 26.68
C ARG C 164 1.89 -9.17 26.53
N GLN C 166 4.00 -10.46 22.78
CA GLN C 166 4.56 -10.13 21.48
C GLN C 166 3.45 -9.87 20.45
N SER C 167 2.41 -9.16 20.87
CA SER C 167 1.24 -8.88 20.01
C SER C 167 1.61 -7.99 18.84
N ALA C 168 2.66 -7.20 18.98
CA ALA C 168 3.14 -6.35 17.89
C ALA C 168 3.96 -7.10 16.84
N LEU C 169 4.40 -8.33 17.13
CA LEU C 169 5.10 -9.14 16.13
C LEU C 169 4.11 -9.84 15.21
N VAL C 170 4.57 -10.20 14.01
CA VAL C 170 3.73 -10.86 13.02
C VAL C 170 4.36 -12.16 12.54
N LYS C 171 3.55 -13.02 11.93
CA LYS C 171 3.97 -14.37 11.53
C LYS C 171 4.91 -14.36 10.33
N ASN C 172 4.62 -13.48 9.37
CA ASN C 172 5.34 -13.44 8.12
C ASN C 172 5.15 -12.10 7.45
N SER C 173 5.85 -11.88 6.34
CA SER C 173 5.82 -10.58 5.68
C SER C 173 4.41 -10.19 5.27
N ASP C 174 3.66 -11.14 4.73
CA ASP C 174 2.32 -10.83 4.24
C ASP C 174 1.43 -10.31 5.37
N GLU C 175 1.50 -10.95 6.53
CA GLU C 175 0.73 -10.49 7.69
C GLU C 175 1.17 -9.08 8.10
N GLY C 176 2.47 -8.82 8.08
CA GLY C 176 2.99 -7.51 8.43
C GLY C 176 2.51 -6.42 7.47
N ILE C 177 2.59 -6.71 6.18
CA ILE C 177 2.20 -5.73 5.16
C ILE C 177 0.71 -5.40 5.29
N GLN C 178 -0.11 -6.42 5.47
CA GLN C 178 -1.54 -6.20 5.65
C GLN C 178 -1.82 -5.38 6.90
N ARG C 179 -1.04 -5.59 7.96
CA ARG C 179 -1.21 -4.80 9.16
C ARG C 179 -0.87 -3.32 8.94
N VAL C 180 0.18 -3.04 8.17
CA VAL C 180 0.54 -1.67 7.84
C VAL C 180 -0.57 -1.01 6.99
N LEU C 181 -1.15 -1.80 6.08
CA LEU C 181 -2.20 -1.28 5.18
C LEU C 181 -3.55 -1.03 5.86
N THR C 182 -3.85 -1.79 6.92
CA THR C 182 -5.21 -1.78 7.49
C THR C 182 -5.31 -1.19 8.89
N THR C 183 -4.17 -0.93 9.53
CA THR C 183 -4.14 -0.41 10.90
C THR C 183 -2.99 0.58 11.06
N ASP C 184 -2.95 1.34 12.16
CA ASP C 184 -1.88 2.30 12.41
C ASP C 184 -0.66 1.56 12.97
N TYR C 185 0.09 0.98 12.04
CA TYR C 185 1.18 0.06 12.35
C TYR C 185 2.34 0.28 11.39
N ALA C 186 3.55 0.21 11.93
CA ALA C 186 4.78 0.30 11.17
C ALA C 186 5.55 -1.00 11.31
N LEU C 187 6.07 -1.50 10.19
CA LEU C 187 6.81 -2.77 10.19
C LEU C 187 8.29 -2.52 10.01
N LEU C 188 9.09 -3.06 10.93
CA LEU C 188 10.53 -3.10 10.77
C LEU C 188 10.84 -4.22 9.80
N MET C 189 11.51 -3.85 8.70
N MET C 189 11.58 -3.92 8.76
CA MET C 189 11.53 -4.64 7.45
CA MET C 189 11.82 -4.93 7.74
C MET C 189 12.81 -4.36 6.66
C MET C 189 12.96 -4.48 6.87
N GLU C 190 13.34 -5.37 5.96
CA GLU C 190 14.55 -5.18 5.17
C GLU C 190 14.27 -4.31 3.95
N SER C 191 15.24 -3.45 3.63
CA SER C 191 15.09 -2.41 2.62
C SER C 191 14.73 -2.95 1.23
N THR C 192 15.25 -4.12 0.89
CA THR C 192 14.93 -4.81 -0.36
C THR C 192 13.43 -5.05 -0.49
N SER C 193 12.86 -5.55 0.59
CA SER C 193 11.44 -5.83 0.64
C SER C 193 10.62 -4.54 0.71
N ILE C 194 11.12 -3.53 1.43
CA ILE C 194 10.44 -2.24 1.47
C ILE C 194 10.34 -1.64 0.07
N GLU C 195 11.41 -1.72 -0.71
CA GLU C 195 11.40 -1.18 -2.06
C GLU C 195 10.34 -1.87 -2.90
N TYR C 196 10.26 -3.19 -2.80
CA TYR C 196 9.28 -3.95 -3.56
C TYR C 196 7.85 -3.55 -3.16
N VAL C 197 7.59 -3.48 -1.87
CA VAL C 197 6.25 -3.20 -1.37
C VAL C 197 5.82 -1.76 -1.65
N THR C 198 6.69 -0.78 -1.39
CA THR C 198 6.31 0.62 -1.57
C THR C 198 6.04 0.93 -3.03
N GLN C 199 6.77 0.30 -3.94
CA GLN C 199 6.56 0.57 -5.36
C GLN C 199 5.30 -0.08 -5.91
N ARG C 200 4.62 -0.87 -5.08
CA ARG C 200 3.34 -1.51 -5.43
C ARG C 200 2.21 -1.09 -4.49
N ASN C 201 2.49 -0.11 -3.62
CA ASN C 201 1.54 0.37 -2.62
C ASN C 201 1.87 1.84 -2.38
N CYS C 202 1.32 2.71 -3.21
CA CYS C 202 1.83 4.06 -3.30
C CYS C 202 1.46 4.93 -2.10
N ASN C 203 0.60 4.41 -1.23
CA ASN C 203 0.31 5.04 0.05
C ASN C 203 1.32 4.73 1.15
N LEU C 204 2.30 3.88 0.86
CA LEU C 204 3.30 3.48 1.85
C LEU C 204 4.66 4.04 1.48
N THR C 205 5.54 4.11 2.45
CA THR C 205 6.87 4.65 2.23
C THR C 205 7.84 4.05 3.23
N GLN C 206 9.13 4.17 2.92
CA GLN C 206 10.16 3.92 3.89
C GLN C 206 10.27 5.14 4.79
N ILE C 207 10.38 4.90 6.10
CA ILE C 207 10.60 5.95 7.09
C ILE C 207 12.08 5.95 7.46
N GLY C 208 12.76 7.07 7.24
CA GLY C 208 14.18 7.17 7.53
C GLY C 208 14.99 6.32 6.57
N GLY C 209 16.24 6.11 6.95
CA GLY C 209 17.19 5.32 6.17
C GLY C 209 17.42 3.95 6.77
N LEU C 210 18.46 3.29 6.31
CA LEU C 210 18.81 1.98 6.81
C LEU C 210 19.52 2.12 8.16
N ILE C 211 19.18 1.24 9.10
CA ILE C 211 19.78 1.26 10.43
C ILE C 211 20.84 0.19 10.63
N ASP C 212 21.05 -0.63 9.60
CA ASP C 212 22.23 -1.49 9.55
C ASP C 212 22.54 -1.78 8.08
N SER C 213 23.58 -2.54 7.82
CA SER C 213 24.00 -2.85 6.47
CA SER C 213 24.01 -2.85 6.47
C SER C 213 24.53 -4.27 6.44
N LYS C 214 23.89 -5.13 5.64
CA LYS C 214 24.24 -6.54 5.58
C LYS C 214 23.93 -7.09 4.21
N GLY C 215 24.02 -8.41 4.09
CA GLY C 215 23.81 -9.08 2.83
C GLY C 215 23.04 -10.37 3.02
N TYR C 216 22.48 -10.86 1.93
CA TYR C 216 21.91 -12.19 1.86
C TYR C 216 22.95 -13.10 1.23
N GLY C 217 22.99 -14.33 1.73
CA GLY C 217 23.90 -15.32 1.16
C GLY C 217 23.25 -16.68 1.06
N VAL C 218 23.81 -17.54 0.21
CA VAL C 218 23.38 -18.92 0.12
C VAL C 218 23.93 -19.63 1.34
N GLY C 219 23.06 -20.32 2.08
CA GLY C 219 23.47 -21.06 3.27
C GLY C 219 23.81 -22.50 2.96
N THR C 220 24.85 -23.00 3.62
CA THR C 220 25.20 -24.42 3.53
C THR C 220 25.60 -24.92 4.92
N PRO C 221 25.43 -26.23 5.17
CA PRO C 221 25.92 -26.76 6.44
C PRO C 221 27.44 -26.65 6.50
N ILE C 222 27.99 -26.43 7.69
CA ILE C 222 29.44 -26.37 7.83
C ILE C 222 30.03 -27.72 7.41
N GLY C 223 31.07 -27.65 6.57
CA GLY C 223 31.71 -28.85 5.99
C GLY C 223 31.21 -29.23 4.60
N SER C 224 30.28 -28.46 4.05
CA SER C 224 29.73 -28.78 2.74
C SER C 224 30.78 -28.79 1.64
N PRO C 225 30.75 -29.81 0.77
CA PRO C 225 31.66 -29.85 -0.36
C PRO C 225 31.33 -28.83 -1.45
N TYR C 226 30.18 -28.16 -1.33
CA TYR C 226 29.74 -27.16 -2.31
C TYR C 226 30.07 -25.72 -1.92
N ARG C 227 30.48 -25.51 -0.66
CA ARG C 227 30.70 -24.16 -0.13
C ARG C 227 31.55 -23.30 -1.06
N ASP C 228 32.75 -23.77 -1.37
CA ASP C 228 33.70 -22.95 -2.12
C ASP C 228 33.22 -22.64 -3.53
N LYS C 229 32.67 -23.64 -4.21
CA LYS C 229 32.22 -23.44 -5.58
C LYS C 229 30.97 -22.57 -5.66
N ILE C 230 30.11 -22.59 -4.64
CA ILE C 230 28.94 -21.72 -4.61
CA ILE C 230 28.93 -21.72 -4.62
C ILE C 230 29.38 -20.26 -4.57
N THR C 231 30.39 -19.97 -3.75
CA THR C 231 30.92 -18.61 -3.70
C THR C 231 31.57 -18.19 -5.02
N ILE C 232 32.31 -19.09 -5.67
CA ILE C 232 32.90 -18.78 -6.98
C ILE C 232 31.80 -18.44 -7.98
N ALA C 233 30.74 -19.23 -7.98
CA ALA C 233 29.61 -19.00 -8.88
C ALA C 233 28.93 -17.65 -8.60
N ILE C 234 28.75 -17.29 -7.33
CA ILE C 234 28.14 -16.00 -7.01
CA ILE C 234 28.15 -15.99 -6.96
C ILE C 234 29.04 -14.86 -7.49
N LEU C 235 30.34 -15.00 -7.32
CA LEU C 235 31.26 -13.97 -7.81
C LEU C 235 31.21 -13.86 -9.34
N GLN C 236 31.10 -14.99 -10.02
CA GLN C 236 30.98 -15.01 -11.47
C GLN C 236 29.70 -14.29 -11.92
N LEU C 237 28.58 -14.62 -11.29
CA LEU C 237 27.32 -13.95 -11.58
C LEU C 237 27.40 -12.45 -11.31
N GLN C 238 28.06 -12.07 -10.23
CA GLN C 238 28.19 -10.67 -9.85
C GLN C 238 28.99 -9.92 -10.90
N GLU C 239 30.15 -10.46 -11.26
CA GLU C 239 31.06 -9.74 -12.15
C GLU C 239 30.52 -9.65 -13.58
N GLU C 240 29.70 -10.62 -14.00
CA GLU C 240 29.08 -10.60 -15.32
C GLU C 240 27.81 -9.72 -15.37
N GLY C 241 27.41 -9.15 -14.24
CA GLY C 241 26.26 -8.26 -14.16
C GLY C 241 24.94 -8.99 -14.04
N LYS C 242 24.98 -10.29 -13.86
CA LYS C 242 23.77 -11.10 -13.86
C LYS C 242 22.94 -10.91 -12.59
N LEU C 243 23.59 -10.71 -11.45
CA LEU C 243 22.85 -10.45 -10.21
C LEU C 243 22.11 -9.10 -10.33
N HIS C 244 22.76 -8.11 -10.88
CA HIS C 244 22.12 -6.82 -11.13
C HIS C 244 20.91 -6.98 -12.04
N MET C 245 21.07 -7.74 -13.11
CA MET C 245 19.99 -7.96 -14.05
C MET C 245 18.83 -8.70 -13.39
N MET C 246 19.14 -9.67 -12.55
CA MET C 246 18.10 -10.44 -11.88
C MET C 246 17.30 -9.57 -10.91
N LYS C 247 17.97 -8.69 -10.18
CA LYS C 247 17.25 -7.79 -9.29
C LYS C 247 16.33 -6.87 -10.11
N GLU C 248 16.86 -6.28 -11.18
CA GLU C 248 16.03 -5.43 -12.02
C GLU C 248 14.82 -6.20 -12.54
N LYS C 249 15.02 -7.43 -13.00
CA LYS C 249 13.95 -8.24 -13.56
C LYS C 249 12.78 -8.34 -12.61
N TRP C 250 13.06 -8.69 -11.36
CA TRP C 250 12.00 -8.99 -10.39
C TRP C 250 11.46 -7.78 -9.64
N TRP C 251 12.19 -6.68 -9.64
CA TRP C 251 11.74 -5.45 -8.97
C TRP C 251 11.12 -4.44 -9.95
N ARG C 252 11.32 -4.62 -11.25
CA ARG C 252 10.80 -3.68 -12.25
C ARG C 252 9.29 -3.55 -12.14
N GLY C 253 8.79 -2.33 -12.23
CA GLY C 253 7.35 -2.10 -12.21
C GLY C 253 7.00 -0.68 -12.57
N ASN C 254 5.72 -0.35 -12.43
CA ASN C 254 5.20 0.97 -12.77
C ASN C 254 5.61 2.06 -11.79
N GLY C 255 5.92 1.66 -10.56
CA GLY C 255 6.32 2.62 -9.54
C GLY C 255 5.21 3.55 -9.11
N CYS C 256 5.59 4.71 -8.59
CA CYS C 256 4.62 5.64 -8.01
C CYS C 256 4.91 7.07 -8.45
N PRO C 257 3.85 7.87 -8.62
CA PRO C 257 4.05 9.29 -8.92
C PRO C 257 4.62 10.06 -7.73
N THR D 5 -20.61 -48.25 -14.16
CA THR D 5 -21.53 -47.08 -14.15
C THR D 5 -21.43 -46.34 -12.82
N LEU D 6 -21.05 -45.07 -12.88
CA LEU D 6 -20.88 -44.24 -11.68
C LEU D 6 -22.24 -43.73 -11.20
N ILE D 7 -22.43 -43.70 -9.89
CA ILE D 7 -23.64 -43.17 -9.32
C ILE D 7 -23.43 -41.68 -9.03
N VAL D 8 -24.30 -40.84 -9.58
CA VAL D 8 -24.20 -39.40 -9.41
C VAL D 8 -25.34 -38.95 -8.52
N THR D 9 -25.01 -38.37 -7.37
CA THR D 9 -26.04 -37.81 -6.51
C THR D 9 -26.31 -36.37 -6.94
N THR D 10 -27.58 -35.99 -6.92
CA THR D 10 -27.98 -34.63 -7.24
C THR D 10 -29.32 -34.33 -6.58
N ILE D 11 -29.88 -33.17 -6.89
CA ILE D 11 -31.08 -32.69 -6.23
C ILE D 11 -31.86 -31.81 -7.19
N LEU D 12 -33.18 -31.89 -7.16
CA LEU D 12 -34.00 -31.02 -8.02
C LEU D 12 -33.84 -29.57 -7.58
N GLU D 13 -33.50 -28.70 -8.51
CA GLU D 13 -33.21 -27.29 -8.22
C GLU D 13 -33.18 -26.55 -9.55
N GLU D 14 -34.11 -25.63 -9.78
CA GLU D 14 -34.15 -24.92 -11.05
C GLU D 14 -33.07 -23.85 -11.11
N PRO D 15 -32.37 -23.70 -12.25
CA PRO D 15 -32.39 -24.49 -13.50
C PRO D 15 -31.28 -25.52 -13.61
N TYR D 16 -30.76 -25.96 -12.46
CA TYR D 16 -29.63 -26.90 -12.44
CA TYR D 16 -29.62 -26.89 -12.45
C TYR D 16 -30.08 -28.31 -12.79
N VAL D 17 -31.16 -28.74 -12.16
CA VAL D 17 -31.70 -30.09 -12.30
C VAL D 17 -33.22 -29.99 -12.26
N MET D 18 -33.86 -30.41 -13.34
CA MET D 18 -35.30 -30.30 -13.50
C MET D 18 -35.82 -31.53 -14.22
N TYR D 19 -37.10 -31.84 -14.04
CA TYR D 19 -37.72 -32.90 -14.81
C TYR D 19 -37.96 -32.41 -16.23
N ARG D 20 -37.44 -33.16 -17.19
CA ARG D 20 -37.68 -32.90 -18.60
C ARG D 20 -39.15 -33.17 -18.94
N LYS D 21 -39.70 -32.35 -19.84
CA LYS D 21 -41.08 -32.50 -20.31
C LYS D 21 -41.09 -33.33 -21.59
N SER D 22 -42.01 -34.29 -21.67
CA SER D 22 -42.20 -35.10 -22.88
C SER D 22 -43.58 -35.75 -22.92
N ASP D 23 -44.03 -36.06 -24.14
CA ASP D 23 -45.34 -36.70 -24.33
C ASP D 23 -45.27 -38.19 -24.03
N PRO D 25 -43.34 -41.24 -21.78
CA PRO D 25 -42.61 -41.45 -20.54
C PRO D 25 -41.09 -41.40 -20.74
N LEU D 26 -40.38 -40.88 -19.75
CA LEU D 26 -38.93 -40.81 -19.76
C LEU D 26 -38.37 -41.69 -18.66
N TYR D 27 -37.21 -42.28 -18.93
CA TYR D 27 -36.60 -43.20 -17.98
C TYR D 27 -35.14 -42.87 -17.75
N GLY D 28 -34.64 -43.26 -16.58
CA GLY D 28 -33.23 -43.10 -16.27
C GLY D 28 -32.79 -41.65 -16.38
N ASN D 29 -31.60 -41.45 -16.94
CA ASN D 29 -31.01 -40.11 -16.96
C ASN D 29 -31.82 -39.14 -17.82
N ASP D 30 -32.53 -39.68 -18.80
CA ASP D 30 -33.36 -38.85 -19.68
C ASP D 30 -34.49 -38.12 -18.97
N ARG D 31 -34.83 -38.54 -17.75
CA ARG D 31 -35.84 -37.83 -16.97
C ARG D 31 -35.44 -36.40 -16.63
N PHE D 32 -34.13 -36.13 -16.65
CA PHE D 32 -33.59 -34.90 -16.10
C PHE D 32 -32.95 -34.02 -17.17
N GLU D 33 -33.04 -32.70 -16.95
CA GLU D 33 -32.33 -31.73 -17.77
C GLU D 33 -31.91 -30.56 -16.89
N GLY D 34 -31.03 -29.72 -17.42
CA GLY D 34 -30.60 -28.51 -16.73
C GLY D 34 -29.12 -28.31 -16.80
N TYR D 35 -28.66 -27.22 -16.20
CA TYR D 35 -27.25 -26.87 -16.23
C TYR D 35 -26.40 -28.04 -15.71
N CYS D 36 -26.79 -28.64 -14.60
CA CYS D 36 -25.97 -29.71 -14.03
C CYS D 36 -25.97 -30.97 -14.87
N LEU D 37 -27.06 -31.24 -15.59
CA LEU D 37 -27.09 -32.38 -16.50
C LEU D 37 -26.20 -32.10 -17.71
N ASP D 38 -26.19 -30.87 -18.19
CA ASP D 38 -25.27 -30.49 -19.26
C ASP D 38 -23.81 -30.62 -18.80
N LEU D 39 -23.52 -30.15 -17.58
CA LEU D 39 -22.16 -30.29 -17.03
C LEU D 39 -21.79 -31.77 -16.89
N LEU D 40 -22.70 -32.57 -16.36
CA LEU D 40 -22.45 -33.99 -16.18
C LEU D 40 -22.17 -34.68 -17.53
N LYS D 41 -22.95 -34.34 -18.55
CA LYS D 41 -22.72 -34.91 -19.88
C LYS D 41 -21.32 -34.55 -20.38
N GLU D 42 -20.93 -33.29 -20.22
CA GLU D 42 -19.61 -32.87 -20.61
C GLU D 42 -18.51 -33.64 -19.86
N LEU D 43 -18.64 -33.76 -18.55
CA LEU D 43 -17.65 -34.50 -17.77
C LEU D 43 -17.57 -35.95 -18.24
N SER D 44 -18.73 -36.56 -18.45
CA SER D 44 -18.79 -37.95 -18.89
CA SER D 44 -18.81 -37.95 -18.90
C SER D 44 -18.09 -38.16 -20.23
N ASN D 45 -18.23 -37.21 -21.14
CA ASN D 45 -17.60 -37.29 -22.46
C ASN D 45 -16.11 -36.99 -22.42
N ILE D 46 -15.70 -36.02 -21.61
CA ILE D 46 -14.30 -35.64 -21.50
C ILE D 46 -13.47 -36.71 -20.77
N LEU D 47 -14.02 -37.26 -19.69
CA LEU D 47 -13.33 -38.28 -18.90
C LEU D 47 -13.59 -39.69 -19.39
N GLY D 48 -14.71 -39.90 -20.08
CA GLY D 48 -15.07 -41.23 -20.55
C GLY D 48 -15.59 -42.12 -19.45
N PHE D 49 -16.72 -41.74 -18.86
CA PHE D 49 -17.40 -42.60 -17.90
C PHE D 49 -18.90 -42.70 -18.18
N LEU D 50 -19.50 -43.78 -17.70
CA LEU D 50 -20.94 -43.99 -17.72
C LEU D 50 -21.48 -43.59 -16.36
N TYR D 51 -22.74 -43.15 -16.33
CA TYR D 51 -23.32 -42.67 -15.08
C TYR D 51 -24.83 -42.91 -14.92
N ASP D 52 -25.26 -42.91 -13.67
CA ASP D 52 -26.65 -43.11 -13.28
C ASP D 52 -26.98 -42.00 -12.28
N VAL D 53 -27.90 -41.12 -12.67
CA VAL D 53 -28.30 -40.00 -11.81
C VAL D 53 -29.32 -40.50 -10.79
N LYS D 54 -29.02 -40.27 -9.51
CA LYS D 54 -29.90 -40.62 -8.41
C LYS D 54 -30.15 -39.41 -7.54
N LEU D 55 -31.40 -38.93 -7.51
CA LEU D 55 -31.77 -37.84 -6.62
C LEU D 55 -31.55 -38.23 -5.17
N VAL D 56 -31.00 -37.31 -4.39
CA VAL D 56 -30.69 -37.61 -3.01
C VAL D 56 -32.00 -37.89 -2.25
N PRO D 57 -32.10 -39.08 -1.61
CA PRO D 57 -33.39 -39.45 -1.02
C PRO D 57 -34.02 -38.45 -0.06
N ASP D 58 -33.22 -37.84 0.80
CA ASP D 58 -33.75 -36.91 1.82
C ASP D 58 -33.98 -35.49 1.30
N GLY D 59 -33.60 -35.23 0.05
CA GLY D 59 -33.84 -33.94 -0.57
C GLY D 59 -33.07 -32.79 0.06
N LYS D 60 -31.91 -33.10 0.63
CA LYS D 60 -31.08 -32.11 1.31
C LYS D 60 -29.71 -32.02 0.67
N TYR D 61 -29.10 -30.83 0.77
CA TYR D 61 -27.75 -30.64 0.28
C TYR D 61 -26.74 -31.27 1.22
N GLY D 62 -26.83 -30.90 2.51
CA GLY D 62 -26.00 -31.55 3.53
C GLY D 62 -25.56 -30.61 4.63
N ALA D 63 -25.82 -31.01 5.87
CA ALA D 63 -25.35 -30.26 7.03
C ALA D 63 -25.02 -31.28 8.12
N GLN D 64 -24.11 -30.91 9.01
CA GLN D 64 -23.73 -31.78 10.13
C GLN D 64 -24.60 -31.43 11.33
N ASN D 65 -25.30 -32.43 11.88
CA ASN D 65 -26.16 -32.22 13.05
C ASN D 65 -25.39 -32.32 14.37
N ASP D 66 -26.12 -32.33 15.49
CA ASP D 66 -25.53 -32.36 16.83
C ASP D 66 -24.65 -33.58 17.12
N LYS D 67 -25.05 -34.73 16.59
CA LYS D 67 -24.34 -35.99 16.79
C LYS D 67 -23.11 -36.14 15.88
N GLY D 68 -22.80 -35.09 15.12
CA GLY D 68 -21.66 -35.11 14.21
C GLY D 68 -21.94 -35.86 12.92
N GLU D 69 -23.21 -36.11 12.64
CA GLU D 69 -23.60 -36.87 11.45
C GLU D 69 -24.08 -35.96 10.34
N TRP D 70 -23.60 -36.24 9.14
CA TRP D 70 -24.01 -35.50 7.95
C TRP D 70 -25.25 -36.10 7.35
N ASN D 71 -25.95 -35.30 6.56
CA ASN D 71 -27.07 -35.77 5.77
C ASN D 71 -26.91 -35.29 4.32
N GLY D 72 -27.95 -35.47 3.53
CA GLY D 72 -27.97 -34.95 2.16
C GLY D 72 -26.94 -35.56 1.23
N MET D 73 -26.61 -34.82 0.18
CA MET D 73 -25.64 -35.29 -0.81
C MET D 73 -24.27 -35.51 -0.21
N VAL D 74 -23.90 -34.68 0.76
CA VAL D 74 -22.62 -34.82 1.41
C VAL D 74 -22.51 -36.22 2.06
N LYS D 75 -23.57 -36.64 2.76
CA LYS D 75 -23.60 -37.97 3.38
C LYS D 75 -23.52 -39.09 2.34
N GLU D 76 -24.19 -38.92 1.21
CA GLU D 76 -24.11 -39.93 0.14
C GLU D 76 -22.68 -40.15 -0.33
N LEU D 77 -21.89 -39.08 -0.42
CA LEU D 77 -20.48 -39.20 -0.74
C LEU D 77 -19.66 -39.83 0.38
N ILE D 78 -19.86 -39.36 1.61
CA ILE D 78 -19.15 -39.89 2.78
C ILE D 78 -19.34 -41.41 2.86
N ASP D 79 -20.57 -41.86 2.67
CA ASP D 79 -20.89 -43.30 2.80
C ASP D 79 -20.64 -44.10 1.52
N HIS D 80 -20.04 -43.49 0.51
CA HIS D 80 -19.71 -44.14 -0.75
C HIS D 80 -20.95 -44.75 -1.43
N ARG D 81 -22.08 -44.05 -1.30
CA ARG D 81 -23.29 -44.40 -2.03
C ARG D 81 -23.42 -43.62 -3.34
N ALA D 82 -22.52 -42.66 -3.54
CA ALA D 82 -22.40 -41.94 -4.81
C ALA D 82 -20.92 -41.78 -5.11
N ASP D 83 -20.59 -41.85 -6.40
CA ASP D 83 -19.21 -41.63 -6.84
C ASP D 83 -18.90 -40.16 -7.02
N LEU D 84 -19.92 -39.38 -7.34
CA LEU D 84 -19.74 -37.93 -7.44
C LEU D 84 -21.08 -37.24 -7.23
N ALA D 85 -21.00 -35.97 -6.85
CA ALA D 85 -22.15 -35.11 -6.71
C ALA D 85 -22.02 -34.02 -7.75
N VAL D 86 -23.00 -33.92 -8.64
CA VAL D 86 -23.04 -32.84 -9.63
C VAL D 86 -24.34 -32.09 -9.41
N ALA D 87 -24.18 -30.94 -8.78
CA ALA D 87 -25.30 -30.15 -8.26
C ALA D 87 -24.72 -28.80 -7.91
N PRO D 88 -25.59 -27.81 -7.61
CA PRO D 88 -25.08 -26.56 -7.07
C PRO D 88 -24.67 -26.73 -5.60
N LEU D 89 -23.55 -27.42 -5.42
CA LEU D 89 -23.05 -27.83 -4.11
C LEU D 89 -21.95 -26.86 -3.70
N THR D 90 -22.21 -26.09 -2.65
CA THR D 90 -21.30 -25.03 -2.26
C THR D 90 -20.05 -25.58 -1.57
N ILE D 91 -18.90 -25.10 -2.03
CA ILE D 91 -17.60 -25.48 -1.49
C ILE D 91 -17.40 -24.69 -0.19
N THR D 92 -17.32 -25.42 0.92
CA THR D 92 -17.11 -24.79 2.22
C THR D 92 -16.01 -25.53 2.99
N TYR D 93 -15.34 -24.78 3.87
CA TYR D 93 -14.28 -25.33 4.71
C TYR D 93 -14.74 -26.56 5.48
N VAL D 94 -15.91 -26.49 6.10
CA VAL D 94 -16.39 -27.61 6.92
C VAL D 94 -16.65 -28.85 6.07
N ARG D 95 -17.11 -28.66 4.84
CA ARG D 95 -17.34 -29.80 3.95
C ARG D 95 -16.03 -30.39 3.43
N GLU D 96 -15.03 -29.55 3.21
CA GLU D 96 -13.72 -30.01 2.72
C GLU D 96 -13.03 -30.96 3.72
N LYS D 97 -13.45 -30.92 4.98
CA LYS D 97 -12.94 -31.83 6.00
C LYS D 97 -13.36 -33.28 5.75
N VAL D 98 -14.46 -33.47 5.01
CA VAL D 98 -15.08 -34.78 4.86
C VAL D 98 -15.30 -35.26 3.41
N ILE D 99 -15.31 -34.35 2.43
CA ILE D 99 -15.36 -34.69 1.00
C ILE D 99 -14.39 -33.79 0.24
N ASP D 100 -14.14 -34.12 -1.02
CA ASP D 100 -13.35 -33.28 -1.93
C ASP D 100 -14.25 -32.53 -2.88
N PHE D 101 -13.77 -31.36 -3.32
CA PHE D 101 -14.44 -30.59 -4.35
C PHE D 101 -13.49 -30.32 -5.50
N SER D 102 -14.07 -30.25 -6.70
CA SER D 102 -13.33 -29.76 -7.85
C SER D 102 -13.08 -28.27 -7.74
N LYS D 103 -12.24 -27.77 -8.62
CA LYS D 103 -12.22 -26.34 -8.90
C LYS D 103 -13.65 -25.88 -9.16
N PRO D 104 -13.98 -24.64 -8.75
CA PRO D 104 -15.35 -24.17 -8.88
C PRO D 104 -15.79 -24.01 -10.34
N PHE D 105 -17.02 -24.41 -10.63
CA PHE D 105 -17.56 -24.23 -11.97
C PHE D 105 -18.48 -23.00 -12.08
N MET D 106 -18.86 -22.42 -10.95
CA MET D 106 -19.71 -21.22 -10.94
C MET D 106 -19.51 -20.56 -9.58
N THR D 107 -19.55 -19.24 -9.55
CA THR D 107 -19.42 -18.50 -8.31
C THR D 107 -20.79 -18.02 -7.84
N LEU D 108 -20.87 -17.71 -6.56
CA LEU D 108 -22.11 -17.25 -5.94
C LEU D 108 -21.80 -16.59 -4.62
N GLY D 109 -22.80 -15.95 -4.04
CA GLY D 109 -22.74 -15.54 -2.66
C GLY D 109 -24.14 -15.48 -2.10
N ILE D 110 -24.25 -15.49 -0.78
CA ILE D 110 -25.53 -15.37 -0.13
C ILE D 110 -26.05 -13.95 -0.27
N SER D 111 -27.33 -13.81 -0.59
CA SER D 111 -28.00 -12.53 -0.51
C SER D 111 -29.46 -12.75 -0.11
N ILE D 112 -30.31 -11.77 -0.33
CA ILE D 112 -31.67 -11.78 0.15
C ILE D 112 -32.64 -11.65 -1.02
N LEU D 113 -33.62 -12.55 -1.07
CA LEU D 113 -34.74 -12.47 -2.01
C LEU D 113 -35.97 -11.92 -1.30
N TYR D 114 -36.54 -10.85 -1.83
CA TYR D 114 -37.72 -10.23 -1.21
C TYR D 114 -38.52 -9.49 -2.28
N ARG D 115 -39.67 -8.98 -1.89
CA ARG D 115 -40.50 -8.16 -2.77
C ARG D 115 -39.84 -6.81 -3.06
N LYS D 116 -40.15 -6.27 -4.24
CA LYS D 116 -39.81 -4.89 -4.59
C LYS D 116 -40.65 -3.88 -3.80
N GLY D 117 -40.16 -2.66 -3.74
CA GLY D 117 -40.95 -1.52 -3.30
C GLY D 117 -40.90 -1.18 -1.83
N THR D 118 -40.00 -1.83 -1.08
CA THR D 118 -39.88 -1.60 0.36
C THR D 118 -38.59 -0.84 0.64
N PRO D 119 -38.47 -0.27 1.86
CA PRO D 119 -37.22 0.37 2.26
C PRO D 119 -36.11 -0.58 2.75
N ILE D 120 -36.40 -1.88 2.83
CA ILE D 120 -35.39 -2.85 3.29
C ILE D 120 -34.25 -2.91 2.27
N ASP D 121 -33.02 -2.63 2.71
CA ASP D 121 -31.88 -2.53 1.81
C ASP D 121 -30.66 -3.38 2.19
N SER D 122 -30.78 -4.15 3.26
CA SER D 122 -29.63 -4.89 3.79
C SER D 122 -30.08 -5.93 4.79
N ALA D 123 -29.16 -6.84 5.10
CA ALA D 123 -29.36 -7.81 6.17
C ALA D 123 -29.57 -7.10 7.51
N ASP D 124 -28.82 -6.04 7.77
CA ASP D 124 -29.03 -5.23 8.98
C ASP D 124 -30.47 -4.74 9.10
N ASP D 125 -31.04 -4.27 8.00
CA ASP D 125 -32.44 -3.80 8.00
C ASP D 125 -33.43 -4.90 8.31
N LEU D 126 -33.08 -6.15 7.95
N LEU D 126 -33.22 -6.07 7.71
CA LEU D 126 -33.80 -7.34 8.42
CA LEU D 126 -34.18 -7.17 7.78
C LEU D 126 -33.46 -7.68 9.87
C LEU D 126 -34.28 -7.59 9.24
N ALA D 127 -32.17 -7.64 10.20
N ALA D 127 -33.13 -7.61 9.90
CA ALA D 127 -31.72 -8.10 11.51
CA ALA D 127 -33.04 -8.04 11.28
C ALA D 127 -32.32 -7.26 12.62
C ALA D 127 -33.72 -7.09 12.26
N LYS D 128 -32.49 -5.96 12.37
N LYS D 128 -33.72 -5.78 11.95
CA LYS D 128 -32.87 -5.03 13.44
CA LYS D 128 -34.20 -4.79 12.91
C LYS D 128 -34.38 -5.00 13.66
C LYS D 128 -35.72 -4.73 12.96
N GLN D 129 -35.10 -5.86 12.97
N GLN D 129 -36.34 -4.88 11.79
CA GLN D 129 -36.57 -5.87 13.07
CA GLN D 129 -37.78 -4.75 11.65
C GLN D 129 -37.14 -7.28 13.16
C GLN D 129 -38.53 -6.00 12.13
N LYS D 131 -42.01 -7.10 11.43
CA LYS D 131 -43.13 -7.57 10.63
C LYS D 131 -42.69 -8.68 9.67
N ILE D 132 -41.57 -8.46 8.97
CA ILE D 132 -41.13 -9.35 7.90
C ILE D 132 -40.37 -10.55 8.47
N GLU D 133 -40.90 -11.73 8.22
CA GLU D 133 -40.24 -12.98 8.56
C GLU D 133 -39.15 -13.28 7.55
N TYR D 134 -38.11 -13.98 7.97
CA TYR D 134 -37.02 -14.33 7.08
C TYR D 134 -36.37 -15.63 7.52
N GLY D 135 -35.77 -16.32 6.57
CA GLY D 135 -35.23 -17.64 6.84
C GLY D 135 -34.42 -18.13 5.68
N ALA D 136 -34.14 -19.42 5.71
CA ALA D 136 -33.30 -20.09 4.72
C ALA D 136 -33.80 -21.51 4.53
N VAL D 137 -33.31 -22.16 3.48
CA VAL D 137 -33.57 -23.59 3.28
C VAL D 137 -32.81 -24.40 4.33
N ARG D 138 -33.49 -25.36 4.95
CA ARG D 138 -32.87 -26.20 5.97
C ARG D 138 -31.77 -27.08 5.40
N ASP D 139 -30.70 -27.22 6.16
CA ASP D 139 -29.62 -28.20 5.94
C ASP D 139 -28.85 -28.01 4.67
N GLY D 140 -28.66 -26.74 4.34
CA GLY D 140 -27.73 -26.33 3.31
C GLY D 140 -26.71 -25.36 3.87
N SER D 141 -25.83 -24.89 3.00
CA SER D 141 -24.74 -24.02 3.38
C SER D 141 -25.20 -22.64 3.83
N THR D 142 -26.31 -22.14 3.31
CA THR D 142 -26.80 -20.83 3.77
C THR D 142 -27.27 -20.92 5.22
N MET D 143 -28.03 -21.96 5.55
CA MET D 143 -28.43 -22.15 6.95
C MET D 143 -27.19 -22.25 7.84
N THR D 144 -26.22 -23.05 7.41
CA THR D 144 -25.01 -23.29 8.20
C THR D 144 -24.22 -22.00 8.41
N PHE D 145 -24.17 -21.16 7.37
CA PHE D 145 -23.52 -19.85 7.48
C PHE D 145 -24.07 -19.07 8.66
N PHE D 146 -25.39 -19.01 8.77
CA PHE D 146 -26.01 -18.29 9.89
C PHE D 146 -25.85 -18.99 11.22
N LYS D 147 -26.03 -20.30 11.22
CA LYS D 147 -25.93 -21.08 12.46
C LYS D 147 -24.55 -20.96 13.10
N LYS D 148 -23.51 -20.86 12.28
CA LYS D 148 -22.14 -20.87 12.77
C LYS D 148 -21.45 -19.50 12.81
N SER D 149 -22.15 -18.46 12.38
CA SER D 149 -21.56 -17.13 12.33
C SER D 149 -21.23 -16.57 13.72
N LYS D 150 -20.14 -15.82 13.79
CA LYS D 150 -19.73 -15.10 14.99
C LYS D 150 -19.94 -13.58 14.79
N ILE D 151 -20.59 -13.21 13.69
CA ILE D 151 -20.91 -11.82 13.39
C ILE D 151 -22.23 -11.44 14.07
N SER D 152 -22.24 -10.34 14.83
CA SER D 152 -23.40 -9.95 15.62
CA SER D 152 -23.41 -9.96 15.62
C SER D 152 -24.72 -9.97 14.84
N THR D 153 -24.75 -9.33 13.68
CA THR D 153 -25.98 -9.26 12.90
C THR D 153 -26.47 -10.65 12.49
N TYR D 154 -25.55 -11.49 12.07
CA TYR D 154 -25.91 -12.82 11.58
C TYR D 154 -26.30 -13.74 12.75
N GLU D 155 -25.68 -13.54 13.91
CA GLU D 155 -26.11 -14.23 15.13
C GLU D 155 -27.54 -13.88 15.49
N LYS D 156 -27.87 -12.59 15.43
CA LYS D 156 -29.25 -12.13 15.70
C LYS D 156 -30.21 -12.75 14.70
N MET D 157 -29.82 -12.79 13.43
CA MET D 157 -30.65 -13.38 12.39
C MET D 157 -30.87 -14.86 12.63
N TRP D 158 -29.81 -15.58 13.01
CA TRP D 158 -29.98 -16.99 13.29
C TRP D 158 -30.91 -17.24 14.47
N ALA D 159 -30.80 -16.42 15.51
CA ALA D 159 -31.70 -16.56 16.66
C ALA D 159 -33.16 -16.37 16.26
N PHE D 160 -33.42 -15.45 15.33
CA PHE D 160 -34.76 -15.29 14.78
C PHE D 160 -35.17 -16.51 13.93
N MET D 161 -34.34 -16.86 12.96
CA MET D 161 -34.64 -17.95 12.02
CA MET D 161 -34.67 -17.91 11.99
C MET D 161 -34.95 -19.26 12.70
N SER D 162 -34.20 -19.54 13.75
CA SER D 162 -34.32 -20.79 14.44
C SER D 162 -35.27 -20.72 15.63
N SER D 163 -35.82 -19.54 15.91
CA SER D 163 -36.66 -19.37 17.08
CA SER D 163 -36.70 -19.34 17.07
C SER D 163 -37.74 -20.44 17.13
N ARG D 164 -37.90 -21.04 18.32
CA ARG D 164 -38.77 -22.18 18.52
C ARG D 164 -40.24 -21.80 18.72
N GLN D 166 -38.00 -23.42 14.56
CA GLN D 166 -37.45 -23.08 13.24
C GLN D 166 -38.54 -22.87 12.19
N SER D 167 -39.62 -22.20 12.59
CA SER D 167 -40.79 -21.99 11.73
C SER D 167 -40.46 -21.11 10.53
N ALA D 168 -39.41 -20.29 10.66
CA ALA D 168 -38.99 -19.44 9.56
C ALA D 168 -38.12 -20.18 8.52
N LEU D 169 -37.65 -21.38 8.83
CA LEU D 169 -36.88 -22.15 7.84
C LEU D 169 -37.85 -22.87 6.91
N VAL D 170 -37.37 -23.19 5.70
CA VAL D 170 -38.17 -23.91 4.71
C VAL D 170 -37.48 -25.19 4.26
N LYS D 171 -38.24 -26.08 3.67
CA LYS D 171 -37.77 -27.41 3.32
C LYS D 171 -36.82 -27.39 2.13
N ASN D 172 -37.15 -26.54 1.17
CA ASN D 172 -36.43 -26.51 -0.10
C ASN D 172 -36.68 -25.18 -0.80
N SER D 173 -35.97 -24.97 -1.89
CA SER D 173 -36.05 -23.71 -2.62
C SER D 173 -37.46 -23.35 -3.05
N ASP D 174 -38.18 -24.33 -3.60
CA ASP D 174 -39.53 -24.08 -4.09
C ASP D 174 -40.45 -23.60 -2.97
N GLU D 175 -40.38 -24.23 -1.80
CA GLU D 175 -41.16 -23.78 -0.65
C GLU D 175 -40.79 -22.35 -0.25
N GLY D 176 -39.50 -22.04 -0.25
CA GLY D 176 -39.05 -20.68 0.07
C GLY D 176 -39.56 -19.62 -0.88
N ILE D 177 -39.46 -19.91 -2.18
CA ILE D 177 -39.92 -18.97 -3.21
C ILE D 177 -41.43 -18.73 -3.09
N GLN D 178 -42.19 -19.80 -2.88
CA GLN D 178 -43.62 -19.66 -2.70
C GLN D 178 -43.97 -18.84 -1.46
N ARG D 179 -43.19 -19.00 -0.39
CA ARG D 179 -43.39 -18.21 0.80
C ARG D 179 -43.10 -16.72 0.57
N VAL D 180 -42.05 -16.42 -0.19
CA VAL D 180 -41.77 -15.02 -0.55
C VAL D 180 -42.90 -14.43 -1.41
N LEU D 181 -43.45 -15.25 -2.31
CA LEU D 181 -44.50 -14.78 -3.23
C LEU D 181 -45.85 -14.58 -2.54
N THR D 182 -46.13 -15.38 -1.51
CA THR D 182 -47.49 -15.41 -0.94
C THR D 182 -47.63 -14.83 0.47
N THR D 183 -46.51 -14.50 1.11
CA THR D 183 -46.53 -13.96 2.48
C THR D 183 -45.43 -12.91 2.61
N ASP D 184 -45.41 -12.18 3.73
CA ASP D 184 -44.39 -11.17 3.98
C ASP D 184 -43.14 -11.84 4.54
N TYR D 185 -42.34 -12.36 3.61
CA TYR D 185 -41.22 -13.22 3.95
C TYR D 185 -40.07 -12.95 2.99
N ALA D 186 -38.85 -12.94 3.54
CA ALA D 186 -37.63 -12.80 2.77
C ALA D 186 -36.79 -14.05 2.92
N LEU D 187 -36.23 -14.53 1.82
CA LEU D 187 -35.45 -15.77 1.81
C LEU D 187 -33.98 -15.45 1.62
N LEU D 188 -33.14 -15.92 2.56
CA LEU D 188 -31.70 -15.88 2.39
C LEU D 188 -31.34 -17.02 1.42
N MET D 189 -30.69 -16.63 0.31
N MET D 189 -30.62 -16.71 0.37
CA MET D 189 -30.63 -17.43 -0.93
CA MET D 189 -30.33 -17.72 -0.62
C MET D 189 -29.36 -17.10 -1.71
C MET D 189 -29.21 -17.22 -1.50
N GLU D 190 -28.79 -18.08 -2.41
CA GLU D 190 -27.59 -17.84 -3.21
C GLU D 190 -27.92 -17.00 -4.44
N SER D 191 -26.98 -16.12 -4.78
CA SER D 191 -27.19 -15.11 -5.82
C SER D 191 -27.54 -15.68 -7.19
N THR D 192 -26.96 -16.81 -7.53
CA THR D 192 -27.26 -17.53 -8.77
C THR D 192 -28.75 -17.84 -8.88
N SER D 193 -29.30 -18.33 -7.78
CA SER D 193 -30.72 -18.67 -7.73
C SER D 193 -31.58 -17.42 -7.67
N ILE D 194 -31.13 -16.40 -6.96
CA ILE D 194 -31.86 -15.13 -6.92
C ILE D 194 -31.98 -14.55 -8.32
N GLU D 195 -30.91 -14.57 -9.10
CA GLU D 195 -30.95 -14.07 -10.48
C GLU D 195 -32.00 -14.81 -11.30
N TYR D 196 -32.02 -16.12 -11.17
CA TYR D 196 -32.97 -16.93 -11.91
C TYR D 196 -34.41 -16.60 -11.53
N VAL D 197 -34.65 -16.53 -10.23
CA VAL D 197 -35.99 -16.29 -9.73
C VAL D 197 -36.48 -14.88 -10.02
N THR D 198 -35.66 -13.86 -9.78
CA THR D 198 -36.12 -12.49 -9.96
C THR D 198 -36.41 -12.21 -11.43
N GLN D 199 -35.67 -12.84 -12.33
CA GLN D 199 -35.88 -12.59 -13.75
C GLN D 199 -37.10 -13.30 -14.31
N ARG D 200 -37.77 -14.10 -13.47
CA ARG D 200 -39.02 -14.77 -13.79
C ARG D 200 -40.16 -14.39 -12.85
N ASN D 201 -39.91 -13.41 -11.98
CA ASN D 201 -40.87 -12.96 -10.98
C ASN D 201 -40.58 -11.50 -10.76
N CYS D 202 -41.15 -10.65 -11.61
CA CYS D 202 -40.70 -9.27 -11.70
C CYS D 202 -41.12 -8.41 -10.52
N ASN D 203 -41.95 -8.97 -9.63
CA ASN D 203 -42.26 -8.36 -8.36
C ASN D 203 -41.23 -8.59 -7.27
N LEU D 204 -40.23 -9.42 -7.54
CA LEU D 204 -39.20 -9.75 -6.55
C LEU D 204 -37.87 -9.13 -6.92
N THR D 205 -36.99 -9.01 -5.95
CA THR D 205 -35.69 -8.42 -6.17
C THR D 205 -34.69 -8.98 -5.18
N GLN D 206 -33.41 -8.83 -5.50
CA GLN D 206 -32.36 -9.00 -4.52
C GLN D 206 -32.32 -7.77 -3.63
N ILE D 207 -32.16 -7.98 -2.33
CA ILE D 207 -32.02 -6.90 -1.35
C ILE D 207 -30.54 -6.84 -0.96
N GLY D 208 -29.91 -5.70 -1.21
CA GLY D 208 -28.49 -5.54 -0.93
C GLY D 208 -27.61 -6.35 -1.84
N GLY D 209 -26.35 -6.46 -1.45
CA GLY D 209 -25.38 -7.18 -2.23
C GLY D 209 -25.13 -8.56 -1.64
N LEU D 210 -24.06 -9.19 -2.10
CA LEU D 210 -23.67 -10.49 -1.60
C LEU D 210 -22.93 -10.35 -0.27
N ILE D 211 -23.25 -11.23 0.68
CA ILE D 211 -22.65 -11.17 2.02
C ILE D 211 -21.54 -12.21 2.23
N ASP D 212 -21.30 -13.05 1.22
CA ASP D 212 -20.09 -13.85 1.14
C ASP D 212 -19.78 -14.14 -0.31
N SER D 213 -18.73 -14.90 -0.56
CA SER D 213 -18.29 -15.20 -1.91
CA SER D 213 -18.29 -15.20 -1.90
C SER D 213 -17.71 -16.60 -1.93
N LYS D 214 -18.29 -17.47 -2.73
CA LYS D 214 -17.90 -18.87 -2.77
C LYS D 214 -18.17 -19.43 -4.14
N GLY D 215 -18.01 -20.74 -4.28
CA GLY D 215 -18.16 -21.42 -5.54
C GLY D 215 -18.90 -22.72 -5.35
N TYR D 216 -19.46 -23.23 -6.44
CA TYR D 216 -19.97 -24.57 -6.50
C TYR D 216 -18.89 -25.46 -7.11
N GLY D 217 -18.80 -26.68 -6.60
CA GLY D 217 -17.86 -27.65 -7.16
C GLY D 217 -18.47 -29.02 -7.24
N VAL D 218 -17.88 -29.86 -8.08
CA VAL D 218 -18.26 -31.26 -8.14
C VAL D 218 -17.67 -31.97 -6.93
N GLY D 219 -18.53 -32.68 -6.18
CA GLY D 219 -18.09 -33.39 -4.98
C GLY D 219 -17.68 -34.80 -5.29
N THR D 220 -16.62 -35.26 -4.64
CA THR D 220 -16.19 -36.66 -4.69
C THR D 220 -15.77 -37.13 -3.30
N PRO D 221 -15.86 -38.44 -3.05
CA PRO D 221 -15.32 -38.95 -1.79
C PRO D 221 -13.82 -38.78 -1.75
N ILE D 222 -13.27 -38.49 -0.58
CA ILE D 222 -11.84 -38.33 -0.46
C ILE D 222 -11.18 -39.66 -0.85
N GLY D 223 -10.17 -39.57 -1.72
CA GLY D 223 -9.46 -40.73 -2.25
C GLY D 223 -9.93 -41.17 -3.62
N SER D 224 -10.94 -40.49 -4.16
CA SER D 224 -11.49 -40.84 -5.47
C SER D 224 -10.45 -40.82 -6.58
N PRO D 225 -10.46 -41.85 -7.44
CA PRO D 225 -9.52 -41.86 -8.54
C PRO D 225 -9.89 -40.85 -9.63
N TYR D 226 -11.06 -40.23 -9.52
CA TYR D 226 -11.55 -39.25 -10.50
C TYR D 226 -11.24 -37.79 -10.12
N ARG D 227 -10.75 -37.56 -8.91
CA ARG D 227 -10.59 -36.20 -8.37
C ARG D 227 -9.83 -35.28 -9.32
N ASP D 228 -8.61 -35.67 -9.68
CA ASP D 228 -7.75 -34.80 -10.45
C ASP D 228 -8.31 -34.54 -11.85
N LYS D 229 -8.81 -35.60 -12.49
CA LYS D 229 -9.30 -35.47 -13.87
C LYS D 229 -10.57 -34.63 -13.94
N ILE D 230 -11.42 -34.70 -12.92
CA ILE D 230 -12.61 -33.85 -12.87
CA ILE D 230 -12.62 -33.86 -12.89
C ILE D 230 -12.23 -32.39 -12.86
N THR D 231 -11.23 -32.03 -12.06
CA THR D 231 -10.74 -30.66 -12.03
C THR D 231 -10.13 -30.23 -13.37
N ILE D 232 -9.35 -31.11 -14.02
CA ILE D 232 -8.80 -30.80 -15.35
C ILE D 232 -9.95 -30.50 -16.32
N ALA D 233 -10.97 -31.36 -16.30
CA ALA D 233 -12.13 -31.16 -17.18
C ALA D 233 -12.85 -29.85 -16.91
N ILE D 234 -13.02 -29.49 -15.64
CA ILE D 234 -13.65 -28.20 -15.30
C ILE D 234 -12.81 -27.04 -15.84
N LEU D 235 -11.49 -27.13 -15.67
CA LEU D 235 -10.60 -26.09 -16.18
C LEU D 235 -10.68 -25.99 -17.69
N GLN D 236 -10.77 -27.13 -18.36
CA GLN D 236 -10.91 -27.17 -19.81
C GLN D 236 -12.21 -26.51 -20.24
N LEU D 237 -13.32 -26.87 -19.60
CA LEU D 237 -14.62 -26.27 -19.91
C LEU D 237 -14.59 -24.76 -19.67
N GLN D 238 -13.95 -24.35 -18.59
CA GLN D 238 -13.84 -22.94 -18.24
C GLN D 238 -13.08 -22.17 -19.32
N GLU D 239 -11.89 -22.66 -19.67
CA GLU D 239 -11.02 -21.92 -20.59
C GLU D 239 -11.58 -21.88 -22.02
N GLU D 240 -12.34 -22.90 -22.41
CA GLU D 240 -12.97 -22.93 -23.73
C GLU D 240 -14.26 -22.11 -23.79
N GLY D 241 -14.66 -21.51 -22.68
CA GLY D 241 -15.86 -20.66 -22.62
C GLY D 241 -17.15 -21.43 -22.44
N LYS D 242 -17.05 -22.75 -22.24
CA LYS D 242 -18.23 -23.60 -22.22
C LYS D 242 -19.05 -23.43 -20.95
N LEU D 243 -18.42 -23.19 -19.81
CA LEU D 243 -19.17 -22.96 -18.59
C LEU D 243 -19.98 -21.67 -18.72
N HIS D 244 -19.37 -20.64 -19.29
CA HIS D 244 -20.07 -19.38 -19.53
C HIS D 244 -21.28 -19.58 -20.45
N MET D 245 -21.09 -20.35 -21.52
CA MET D 245 -22.18 -20.61 -22.45
C MET D 245 -23.29 -21.42 -21.78
N MET D 246 -22.93 -22.38 -20.93
CA MET D 246 -23.93 -23.19 -20.25
C MET D 246 -24.78 -22.37 -19.29
N LYS D 247 -24.15 -21.45 -18.56
CA LYS D 247 -24.91 -20.58 -17.68
C LYS D 247 -25.84 -19.71 -18.51
N GLU D 248 -25.34 -19.11 -19.58
CA GLU D 248 -26.19 -18.28 -20.41
C GLU D 248 -27.38 -19.08 -20.94
N LYS D 249 -27.13 -20.31 -21.36
CA LYS D 249 -28.18 -21.15 -21.93
C LYS D 249 -29.35 -21.31 -20.99
N TRP D 250 -29.04 -21.61 -19.72
CA TRP D 250 -30.08 -21.95 -18.75
C TRP D 250 -30.65 -20.75 -18.02
N TRP D 251 -29.95 -19.62 -18.01
CA TRP D 251 -30.46 -18.42 -17.35
C TRP D 251 -31.13 -17.44 -18.32
N ARG D 252 -30.93 -17.62 -19.62
CA ARG D 252 -31.51 -16.70 -20.62
C ARG D 252 -33.04 -16.67 -20.51
N GLY D 253 -33.60 -15.48 -20.62
CA GLY D 253 -35.05 -15.34 -20.58
C GLY D 253 -35.47 -13.95 -20.97
N ASN D 254 -36.75 -13.67 -20.81
CA ASN D 254 -37.33 -12.37 -21.18
C ASN D 254 -36.93 -11.25 -20.22
N GLY D 255 -36.60 -11.59 -18.99
CA GLY D 255 -36.20 -10.60 -18.00
C GLY D 255 -37.35 -9.74 -17.54
N CYS D 256 -37.02 -8.56 -17.04
CA CYS D 256 -38.02 -7.68 -16.43
C CYS D 256 -37.80 -6.26 -16.90
N PRO D 257 -38.89 -5.50 -17.09
CA PRO D 257 -38.73 -4.08 -17.43
C PRO D 257 -38.10 -3.29 -16.29
CAA DYH E . 26.75 21.86 4.26
NH DYH E . 27.44 20.84 3.49
CAH DYH E . 26.66 20.50 2.26
CAG DYH E . 27.33 19.31 1.57
OAC DYH E . 28.74 19.50 1.45
CAP DYH E . 26.74 19.10 0.19
OAQ DYH E . 26.99 20.24 -0.61
CAR DYH E . 26.26 21.39 -0.14
CAS DYH E . 26.83 22.61 -0.84
CAI DYH E . 26.57 21.70 1.31
OAJ DYH E . 27.87 22.33 1.30
CAK DYH E . 28.06 22.95 0.03
CAE DYH E . 29.33 22.42 -0.65
OAB DYH E . 29.84 21.38 -0.19
OAF DYH E . 29.74 23.07 -1.62
CB DYH E . 28.12 24.47 0.20
CA DYH E . 29.34 25.01 0.96
C DYH E . 29.48 26.49 0.66
OXT DYH E . 29.47 26.80 -0.55
O DYH E . 29.58 27.28 1.63
N DYH E . 29.27 24.78 2.42
S SO4 F . 32.36 19.64 19.27
O1 SO4 F . 32.87 19.23 17.96
O2 SO4 F . 31.28 18.72 19.65
O3 SO4 F . 31.83 21.01 19.16
O4 SO4 F . 33.42 19.62 20.28
C1 GOL G . 40.16 28.66 -0.13
O1 GOL G . 40.73 29.79 0.53
C2 GOL G . 40.41 28.70 -1.64
O2 GOL G . 40.72 27.40 -2.13
C3 GOL G . 39.15 29.19 -2.33
O3 GOL G . 39.34 30.49 -2.89
CL CL H . 20.19 11.84 5.52
CAA DYH I . -15.38 9.44 -4.08
NH DYH I . -14.74 8.39 -4.88
CAH DYH I . -15.49 8.09 -6.13
CAG DYH I . -14.83 6.89 -6.82
OAC DYH I . -13.42 7.08 -6.92
CAP DYH I . -15.42 6.69 -8.21
OAQ DYH I . -15.12 7.87 -8.97
CAR DYH I . -15.87 8.99 -8.50
CAS DYH I . -15.27 10.20 -9.19
CAI DYH I . -15.55 9.31 -7.03
OAJ DYH I . -14.24 9.91 -7.05
CAK DYH I . -14.04 10.54 -8.32
CAE DYH I . -12.77 9.98 -8.98
OAB DYH I . -12.30 8.90 -8.53
OAF DYH I . -12.31 10.62 -9.94
CB DYH I . -13.96 12.05 -8.14
CA DYH I . -12.73 12.54 -7.37
C DYH I . -12.53 14.02 -7.66
OXT DYH I . -12.52 14.36 -8.86
O DYH I . -12.40 14.80 -6.69
N DYH I . -12.76 12.31 -5.90
S SO4 J . -9.85 7.05 10.94
O1 SO4 J . -9.32 6.68 9.63
O2 SO4 J . -10.91 6.13 11.30
O3 SO4 J . -10.34 8.43 10.87
O4 SO4 J . -8.79 6.99 11.95
C1 GOL K . -1.96 15.65 -8.49
O1 GOL K . -1.40 16.79 -7.86
C2 GOL K . -1.68 15.69 -9.99
O2 GOL K . -1.54 14.36 -10.49
C3 GOL K . -2.87 16.34 -10.67
O3 GOL K . -2.58 17.69 -11.04
CL CL L . -22.09 -0.43 -3.08
CAA DYH M . 13.07 -10.75 2.89
NH DYH M . 12.70 -9.61 3.75
CAH DYH M . 11.50 -9.88 4.58
CAG DYH M . 11.13 -8.58 5.32
OAC DYH M . 12.29 -8.00 5.92
CAP DYH M . 10.06 -8.84 6.38
OAQ DYH M . 10.62 -9.74 7.33
CAR DYH M . 10.82 -11.05 6.76
CAS DYH M . 11.67 -11.81 7.76
CAI DYH M . 11.76 -11.02 5.55
OAJ DYH M . 13.07 -10.84 6.12
CAK DYH M . 13.10 -11.37 7.44
CAE DYH M . 13.55 -10.32 8.46
OAB DYH M . 13.57 -9.13 8.08
OAF DYH M . 13.85 -10.72 9.61
CB DYH M . 14.03 -12.60 7.48
CA DYH M . 15.53 -12.31 7.31
C DYH M . 16.30 -13.52 7.81
OXT DYH M . 16.01 -13.90 8.97
O DYH M . 17.15 -14.02 7.06
N DYH M . 15.90 -12.03 5.90
C1 GOL N . -2.18 2.61 6.21
O1 GOL N . -3.09 1.88 7.05
C2 GOL N . -2.94 3.29 5.09
O2 GOL N . -4.07 3.98 5.62
C3 GOL N . -2.01 4.32 4.38
O3 GOL N . -2.78 5.12 3.48
CAA DYH O . -28.85 -23.52 -5.43
NH DYH O . -29.27 -22.38 -4.60
CAH DYH O . -30.43 -22.69 -3.74
CAG DYH O . -30.87 -21.41 -3.03
OAC DYH O . -29.74 -20.76 -2.42
CAP DYH O . -31.93 -21.73 -1.99
OAQ DYH O . -31.35 -22.56 -1.01
CAR DYH O . -31.08 -23.86 -1.56
CAS DYH O . -30.20 -24.57 -0.56
CAI DYH O . -30.13 -23.81 -2.75
OAJ DYH O . -28.84 -23.51 -2.20
CAK DYH O . -28.80 -24.05 -0.87
CAE DYH O . -28.41 -22.95 0.13
OAB DYH O . -28.43 -21.76 -0.27
OAF DYH O . -28.07 -23.32 1.27
CB DYH O . -27.81 -25.22 -0.83
CA DYH O . -26.31 -24.88 -1.01
C DYH O . -25.48 -26.03 -0.48
OXT DYH O . -25.74 -26.41 0.67
O DYH O . -24.60 -26.52 -1.25
N DYH O . -25.94 -24.59 -2.40
#